data_3I6G
#
_entry.id   3I6G
#
_cell.length_a   160.871
_cell.length_b   48.847
_cell.length_c   137.242
_cell.angle_alpha   90.00
_cell.angle_beta   110.94
_cell.angle_gamma   90.00
#
_symmetry.space_group_name_H-M   'C 1 2 1'
#
loop_
_entity.id
_entity.type
_entity.pdbx_description
1 polymer 'HLA class I histocompatibility antigen, A-2 alpha chain'
2 polymer Beta-2-microglobulin
3 polymer 'Membrane protein'
4 water water
#
loop_
_entity_poly.entity_id
_entity_poly.type
_entity_poly.pdbx_seq_one_letter_code
_entity_poly.pdbx_strand_id
1 'polypeptide(L)'
;GSHSMRYFFTSVSRPGRGEPRFIAVGYVDDTQFVRFDSDAASQRMEPRAPWIEQEGPEYWDGETRKVKAHSQTHRVDLGT
LRGYYNQSEAGSHTVQRMYGCDVGSDWRFLRGYHQYAYDGKDYIALKEDLRSWTAADMAAQTTKHKWEAAHVAEQLRAYL
EGTCVEWLRRYLENGKETLQRTDAPKTHMTHHAVSDHEATLRCWALSFYPAEITLTWQRDGEDQTQDTELVETRPAGDGT
FQKWAAVVVPSGQEQRYTCHVQHEGLPKPLTLRWE
;
A,D
2 'polypeptide(L)'
;MIQRTPKIQVYSRHPAENGKSNFLNCYVSGFHPSDIEVDLLKNGERIEKVEHSDLSFSKDWSFYLLYYTEFTPTEKDEYA
CRVNHVTLSQPKIVKWDRDM
;
B,E
3 'polypeptide(L)' GLMWLSYFV C,F
#
# COMPACT_ATOMS: atom_id res chain seq x y z
N GLY A 1 -18.37 -15.26 8.40
CA GLY A 1 -18.21 -14.12 9.28
C GLY A 1 -16.88 -13.42 9.10
N SER A 2 -16.52 -12.59 10.09
CA SER A 2 -15.29 -11.81 10.01
C SER A 2 -14.05 -12.66 10.25
N HIS A 3 -12.93 -12.20 9.70
CA HIS A 3 -11.66 -12.87 9.89
C HIS A 3 -10.55 -11.85 10.14
N SER A 4 -9.43 -12.32 10.66
CA SER A 4 -8.30 -11.45 10.97
C SER A 4 -6.99 -12.15 10.70
N MET A 5 -5.97 -11.38 10.35
CA MET A 5 -4.61 -11.87 10.36
C MET A 5 -3.84 -10.99 11.34
N ARG A 6 -3.10 -11.61 12.25
CA ARG A 6 -2.37 -10.87 13.27
C ARG A 6 -0.97 -11.42 13.45
N TYR A 7 -0.01 -10.51 13.56
CA TYR A 7 1.36 -10.89 13.91
C TYR A 7 1.70 -10.31 15.28
N PHE A 8 2.32 -11.11 16.13
CA PHE A 8 2.70 -10.67 17.46
C PHE A 8 4.21 -10.84 17.63
N PHE A 9 4.89 -9.79 18.08
CA PHE A 9 6.33 -9.82 18.24
C PHE A 9 6.73 -9.47 19.66
N THR A 10 7.63 -10.26 20.24
CA THR A 10 8.12 -9.97 21.58
C THR A 10 9.64 -9.96 21.61
N SER A 11 10.20 -8.86 22.10
CA SER A 11 11.65 -8.75 22.25
C SER A 11 12.02 -8.42 23.70
N VAL A 12 12.90 -9.22 24.28
CA VAL A 12 13.24 -9.07 25.70
C VAL A 12 14.74 -8.96 25.90
N SER A 13 15.19 -7.82 26.41
CA SER A 13 16.61 -7.62 26.70
C SER A 13 17.08 -8.58 27.79
N ARG A 14 18.33 -9.01 27.67
CA ARG A 14 18.93 -9.91 28.65
C ARG A 14 20.25 -9.35 29.17
N PRO A 15 20.17 -8.47 30.17
CA PRO A 15 21.30 -7.76 30.78
C PRO A 15 22.44 -8.71 31.14
N GLY A 16 23.63 -8.43 30.61
CA GLY A 16 24.80 -9.25 30.88
C GLY A 16 24.68 -10.68 30.36
N ARG A 17 23.68 -10.92 29.51
CA ARG A 17 23.45 -12.26 28.98
C ARG A 17 23.28 -12.28 27.46
N GLY A 18 23.86 -11.31 26.77
CA GLY A 18 23.90 -11.31 25.32
C GLY A 18 22.68 -10.72 24.64
N GLU A 19 22.37 -11.25 23.46
CA GLU A 19 21.34 -10.69 22.58
C GLU A 19 19.92 -10.94 23.08
N PRO A 20 18.99 -10.05 22.73
CA PRO A 20 17.60 -10.16 23.20
C PRO A 20 16.95 -11.45 22.71
N ARG A 21 16.00 -11.97 23.49
CA ARG A 21 15.14 -13.04 23.02
C ARG A 21 14.13 -12.41 22.06
N PHE A 22 13.93 -13.03 20.91
CA PHE A 22 12.93 -12.55 19.96
C PHE A 22 12.02 -13.68 19.52
N ILE A 23 10.73 -13.53 19.82
CA ILE A 23 9.73 -14.50 19.42
C ILE A 23 8.65 -13.81 18.58
N ALA A 24 8.35 -14.39 17.42
CA ALA A 24 7.31 -13.86 16.54
C ALA A 24 6.35 -14.97 16.14
N VAL A 25 5.06 -14.67 16.19
CA VAL A 25 4.05 -15.63 15.79
C VAL A 25 2.99 -14.97 14.91
N GLY A 26 2.46 -15.73 13.96
CA GLY A 26 1.37 -15.25 13.12
C GLY A 26 0.10 -16.04 13.32
N TYR A 27 -1.03 -15.34 13.37
CA TYR A 27 -2.32 -15.98 13.53
C TYR A 27 -3.26 -15.58 12.41
N VAL A 28 -4.08 -16.53 11.96
CA VAL A 28 -5.28 -16.22 11.21
C VAL A 28 -6.43 -16.58 12.16
N ASP A 29 -7.27 -15.60 12.48
CA ASP A 29 -8.27 -15.79 13.53
C ASP A 29 -7.54 -16.30 14.78
N ASP A 30 -7.98 -17.44 15.32
CA ASP A 30 -7.33 -18.00 16.50
C ASP A 30 -6.48 -19.23 16.17
N THR A 31 -5.94 -19.25 14.96
CA THR A 31 -5.11 -20.37 14.52
C THR A 31 -3.71 -19.86 14.16
N GLN A 32 -2.70 -20.28 14.91
CA GLN A 32 -1.32 -19.88 14.61
C GLN A 32 -0.89 -20.61 13.35
N PHE A 33 -0.10 -19.94 12.51
CA PHE A 33 0.36 -20.59 11.28
C PHE A 33 1.86 -20.48 11.06
N VAL A 34 2.51 -19.53 11.75
CA VAL A 34 3.96 -19.42 11.67
C VAL A 34 4.57 -19.02 13.00
N ARG A 35 5.87 -19.27 13.13
CA ARG A 35 6.63 -18.87 14.31
C ARG A 35 8.08 -18.65 13.94
N PHE A 36 8.69 -17.71 14.66
CA PHE A 36 10.14 -17.58 14.69
C PHE A 36 10.54 -17.38 16.14
N ASP A 37 11.48 -18.20 16.60
CA ASP A 37 12.01 -18.07 17.95
C ASP A 37 13.53 -17.97 17.84
N SER A 38 14.09 -16.89 18.37
CA SER A 38 15.52 -16.65 18.27
C SER A 38 16.33 -17.75 18.95
N ASP A 39 15.74 -18.45 19.90
CA ASP A 39 16.46 -19.49 20.61
C ASP A 39 16.27 -20.88 20.00
N ALA A 40 15.49 -20.96 18.92
CA ALA A 40 15.31 -22.21 18.20
C ALA A 40 16.46 -22.47 17.22
N ALA A 41 16.47 -23.65 16.62
CA ALA A 41 17.61 -24.10 15.81
C ALA A 41 17.62 -23.58 14.37
N SER A 42 16.46 -23.55 13.72
CA SER A 42 16.41 -23.25 12.29
C SER A 42 16.87 -21.83 11.95
N GLN A 43 16.61 -20.89 12.85
CA GLN A 43 16.79 -19.47 12.56
C GLN A 43 16.01 -19.09 11.31
N ARG A 44 14.86 -19.74 11.12
CA ARG A 44 13.98 -19.43 9.99
C ARG A 44 12.55 -19.31 10.46
N MET A 45 11.70 -18.69 9.64
CA MET A 45 10.27 -18.72 9.92
C MET A 45 9.81 -20.14 9.67
N GLU A 46 8.96 -20.65 10.55
CA GLU A 46 8.57 -22.05 10.50
C GLU A 46 7.06 -22.21 10.48
N PRO A 47 6.57 -23.20 9.71
CA PRO A 47 5.15 -23.48 9.55
C PRO A 47 4.54 -24.04 10.84
N ARG A 48 3.28 -23.70 11.10
CA ARG A 48 2.58 -24.19 12.29
C ARG A 48 1.14 -24.56 12.00
N ALA A 49 0.80 -24.59 10.71
CA ALA A 49 -0.50 -25.06 10.27
C ALA A 49 -0.30 -25.83 8.98
N PRO A 50 -1.10 -26.89 8.78
CA PRO A 50 -0.96 -27.72 7.57
C PRO A 50 -1.04 -26.90 6.30
N TRP A 51 -1.96 -25.93 6.26
CA TRP A 51 -2.23 -25.18 5.03
C TRP A 51 -1.13 -24.21 4.59
N ILE A 52 -0.21 -23.88 5.49
CA ILE A 52 0.88 -22.98 5.14
C ILE A 52 2.09 -23.75 4.61
N GLU A 53 2.13 -25.04 4.87
CA GLU A 53 3.29 -25.85 4.48
C GLU A 53 3.50 -25.86 2.97
N GLN A 54 2.41 -25.68 2.23
CA GLN A 54 2.44 -25.76 0.77
C GLN A 54 3.17 -24.58 0.11
N GLU A 55 3.32 -23.48 0.83
CA GLU A 55 4.05 -22.34 0.30
C GLU A 55 5.47 -22.76 -0.09
N GLY A 56 5.96 -22.26 -1.21
CA GLY A 56 7.27 -22.66 -1.71
C GLY A 56 8.41 -21.95 -1.01
N PRO A 57 9.65 -22.29 -1.37
CA PRO A 57 10.87 -21.72 -0.80
C PRO A 57 10.92 -20.20 -0.89
N GLU A 58 10.37 -19.65 -1.96
CA GLU A 58 10.34 -18.21 -2.13
C GLU A 58 9.61 -17.57 -0.96
N TYR A 59 8.52 -18.21 -0.54
CA TYR A 59 7.72 -17.70 0.57
C TYR A 59 8.53 -17.72 1.85
N TRP A 60 9.04 -18.89 2.20
CA TRP A 60 9.77 -19.07 3.45
C TRP A 60 11.04 -18.23 3.53
N ASP A 61 11.77 -18.15 2.41
CA ASP A 61 12.94 -17.29 2.35
C ASP A 61 12.57 -15.85 2.68
N GLY A 62 11.47 -15.38 2.07
CA GLY A 62 10.98 -14.03 2.29
C GLY A 62 10.53 -13.73 3.72
N GLU A 63 9.77 -14.65 4.30
CA GLU A 63 9.27 -14.45 5.66
C GLU A 63 10.45 -14.50 6.63
N THR A 64 11.42 -15.34 6.31
CA THR A 64 12.61 -15.49 7.13
C THR A 64 13.42 -14.20 7.14
N ARG A 65 13.60 -13.61 5.97
CA ARG A 65 14.32 -12.34 5.89
C ARG A 65 13.57 -11.22 6.60
N LYS A 66 12.27 -11.15 6.38
CA LYS A 66 11.45 -10.12 7.00
C LYS A 66 11.46 -10.25 8.52
N VAL A 67 11.32 -11.46 9.03
CA VAL A 67 11.23 -11.67 10.47
C VAL A 67 12.56 -11.34 11.15
N LYS A 68 13.67 -11.55 10.44
CA LYS A 68 14.98 -11.15 10.93
C LYS A 68 15.11 -9.62 10.99
N ALA A 69 14.64 -8.95 9.95
CA ALA A 69 14.66 -7.49 9.91
C ALA A 69 13.80 -6.91 11.03
N HIS A 70 12.72 -7.62 11.37
CA HIS A 70 11.87 -7.26 12.50
C HIS A 70 12.65 -7.43 13.79
N SER A 71 13.34 -8.57 13.91
CA SER A 71 14.17 -8.85 15.06
C SER A 71 15.22 -7.74 15.22
N GLN A 72 15.96 -7.49 14.16
CA GLN A 72 17.02 -6.49 14.19
C GLN A 72 16.48 -5.13 14.61
N THR A 73 15.32 -4.76 14.08
CA THR A 73 14.74 -3.45 14.39
C THR A 73 14.46 -3.30 15.88
N HIS A 74 13.92 -4.34 16.49
CA HIS A 74 13.56 -4.26 17.90
C HIS A 74 14.77 -4.40 18.82
N ARG A 75 15.82 -5.04 18.32
CA ARG A 75 17.07 -5.11 19.05
C ARG A 75 17.60 -3.70 19.26
N VAL A 76 17.49 -2.88 18.23
CA VAL A 76 17.89 -1.47 18.32
C VAL A 76 16.92 -0.70 19.20
N ASP A 77 15.62 -0.98 19.05
CA ASP A 77 14.57 -0.29 19.81
C ASP A 77 14.76 -0.39 21.33
N LEU A 78 15.15 -1.57 21.81
CA LEU A 78 15.40 -1.75 23.23
C LEU A 78 16.43 -0.75 23.73
N GLY A 79 17.49 -0.55 22.95
CA GLY A 79 18.52 0.40 23.32
C GLY A 79 17.98 1.82 23.26
N THR A 80 17.24 2.12 22.21
CA THR A 80 16.66 3.45 22.03
C THR A 80 15.73 3.81 23.18
N LEU A 81 14.88 2.86 23.56
CA LEU A 81 13.91 3.08 24.63
C LEU A 81 14.58 3.20 25.99
N ARG A 82 15.63 2.42 26.21
CA ARG A 82 16.40 2.55 27.45
C ARG A 82 16.98 3.95 27.58
N GLY A 83 17.39 4.53 26.47
CA GLY A 83 17.89 5.88 26.45
C GLY A 83 16.78 6.89 26.66
N TYR A 84 15.69 6.73 25.92
CA TYR A 84 14.53 7.60 26.07
C TYR A 84 14.11 7.76 27.53
N TYR A 85 14.17 6.66 28.29
CA TYR A 85 13.75 6.68 29.68
C TYR A 85 14.93 6.70 30.66
N ASN A 86 16.14 6.88 30.13
CA ASN A 86 17.37 6.87 30.93
C ASN A 86 17.42 5.72 31.91
N GLN A 87 17.12 4.52 31.45
CA GLN A 87 17.15 3.34 32.30
C GLN A 87 18.54 2.71 32.34
N SER A 88 18.82 1.99 33.42
CA SER A 88 20.12 1.35 33.59
C SER A 88 20.22 0.08 32.77
N GLU A 89 21.45 -0.44 32.64
CA GLU A 89 21.70 -1.68 31.92
C GLU A 89 21.38 -2.89 32.80
N ALA A 90 21.07 -2.65 34.06
CA ALA A 90 20.82 -3.72 35.01
C ALA A 90 19.55 -4.51 34.72
N GLY A 91 18.49 -3.82 34.32
CA GLY A 91 17.20 -4.45 34.19
C GLY A 91 16.84 -4.99 32.82
N SER A 92 16.00 -6.03 32.80
CA SER A 92 15.46 -6.56 31.56
C SER A 92 14.23 -5.77 31.17
N HIS A 93 14.12 -5.45 29.89
CA HIS A 93 12.96 -4.70 29.40
C HIS A 93 12.34 -5.38 28.17
N THR A 94 11.08 -5.07 27.92
CA THR A 94 10.29 -5.82 26.95
C THR A 94 9.66 -4.89 25.92
N VAL A 95 9.92 -5.17 24.65
CA VAL A 95 9.21 -4.48 23.58
C VAL A 95 8.21 -5.45 22.95
N GLN A 96 6.97 -4.99 22.79
CA GLN A 96 5.96 -5.79 22.12
C GLN A 96 5.33 -5.04 20.98
N ARG A 97 5.08 -5.75 19.89
CA ARG A 97 4.42 -5.17 18.72
C ARG A 97 3.36 -6.10 18.18
N MET A 98 2.24 -5.53 17.78
CA MET A 98 1.18 -6.27 17.13
C MET A 98 0.70 -5.49 15.91
N TYR A 99 0.43 -6.20 14.82
CA TYR A 99 -0.20 -5.57 13.67
C TYR A 99 -0.92 -6.59 12.79
N GLY A 100 -1.81 -6.08 11.94
CA GLY A 100 -2.60 -6.93 11.08
C GLY A 100 -3.88 -6.26 10.64
N CYS A 101 -4.78 -7.03 10.04
CA CYS A 101 -6.01 -6.51 9.47
C CYS A 101 -7.20 -7.38 9.78
N ASP A 102 -8.39 -6.77 9.82
CA ASP A 102 -9.65 -7.50 9.86
C ASP A 102 -10.32 -7.38 8.50
N VAL A 103 -11.08 -8.39 8.11
CA VAL A 103 -11.99 -8.31 6.97
C VAL A 103 -13.37 -8.76 7.39
N GLY A 104 -14.39 -8.30 6.68
CA GLY A 104 -15.77 -8.68 6.98
C GLY A 104 -16.16 -10.01 6.37
N SER A 105 -17.43 -10.35 6.47
CA SER A 105 -17.96 -11.58 5.87
C SER A 105 -17.73 -11.63 4.35
N ASP A 106 -17.48 -10.47 3.75
CA ASP A 106 -17.23 -10.39 2.32
C ASP A 106 -15.74 -10.42 2.00
N TRP A 107 -14.93 -10.68 3.03
CA TRP A 107 -13.47 -10.77 2.89
C TRP A 107 -12.84 -9.48 2.37
N ARG A 108 -13.50 -8.36 2.62
CA ARG A 108 -12.99 -7.05 2.25
C ARG A 108 -12.52 -6.30 3.49
N PHE A 109 -11.48 -5.49 3.32
CA PHE A 109 -10.89 -4.75 4.43
C PHE A 109 -11.92 -4.09 5.35
N LEU A 110 -11.78 -4.35 6.65
CA LEU A 110 -12.61 -3.69 7.67
C LEU A 110 -11.79 -2.73 8.50
N ARG A 111 -10.60 -3.18 8.91
CA ARG A 111 -9.79 -2.45 9.87
C ARG A 111 -8.35 -2.92 9.90
N GLY A 112 -7.45 -2.00 10.24
CA GLY A 112 -6.03 -2.32 10.37
C GLY A 112 -5.50 -1.92 11.75
N TYR A 113 -4.45 -2.59 12.19
CA TYR A 113 -3.82 -2.31 13.48
C TYR A 113 -2.30 -2.28 13.36
N HIS A 114 -1.67 -1.43 14.18
CA HIS A 114 -0.21 -1.42 14.30
C HIS A 114 0.18 -0.72 15.62
N GLN A 115 0.57 -1.53 16.62
CA GLN A 115 0.68 -1.03 17.99
C GLN A 115 1.94 -1.52 18.69
N TYR A 116 2.57 -0.62 19.45
CA TYR A 116 3.77 -0.94 20.22
C TYR A 116 3.50 -0.81 21.71
N ALA A 117 4.09 -1.71 22.50
CA ALA A 117 4.10 -1.56 23.95
C ALA A 117 5.53 -1.67 24.48
N TYR A 118 5.82 -0.91 25.53
CA TYR A 118 7.11 -1.01 26.20
C TYR A 118 6.87 -1.40 27.66
N ASP A 119 7.53 -2.48 28.09
CA ASP A 119 7.34 -3.00 29.43
C ASP A 119 5.86 -3.15 29.79
N GLY A 120 5.06 -3.60 28.83
CA GLY A 120 3.68 -3.99 29.09
C GLY A 120 2.67 -2.86 29.10
N LYS A 121 3.10 -1.65 28.78
CA LYS A 121 2.21 -0.50 28.71
C LYS A 121 2.19 0.03 27.27
N ASP A 122 1.04 0.56 26.85
CA ASP A 122 0.94 1.22 25.56
C ASP A 122 2.08 2.22 25.40
N TYR A 123 2.78 2.14 24.28
CA TYR A 123 3.82 3.12 23.95
C TYR A 123 3.35 4.00 22.80
N ILE A 124 3.03 3.37 21.67
CA ILE A 124 2.51 4.10 20.52
C ILE A 124 1.64 3.19 19.66
N ALA A 125 0.61 3.77 19.06
CA ALA A 125 -0.33 3.01 18.26
C ALA A 125 -0.86 3.83 17.10
N LEU A 126 -1.05 3.16 15.97
CA LEU A 126 -1.69 3.77 14.82
C LEU A 126 -3.18 3.90 15.10
N LYS A 127 -3.74 5.08 14.90
CA LYS A 127 -5.17 5.28 15.12
C LYS A 127 -5.99 4.58 14.03
N GLU A 128 -7.29 4.43 14.27
CA GLU A 128 -8.13 3.70 13.35
C GLU A 128 -8.16 4.28 11.92
N ASP A 129 -8.01 5.59 11.79
CA ASP A 129 -7.98 6.19 10.45
C ASP A 129 -6.70 5.81 9.67
N LEU A 130 -5.79 5.10 10.35
CA LEU A 130 -4.53 4.65 9.75
C LEU A 130 -3.71 5.79 9.18
N ARG A 131 -3.89 6.99 9.73
CA ARG A 131 -3.20 8.18 9.24
C ARG A 131 -2.52 8.97 10.34
N SER A 132 -2.79 8.62 11.59
CA SER A 132 -2.22 9.35 12.71
C SER A 132 -1.83 8.43 13.86
N TRP A 133 -1.09 8.99 14.83
CA TRP A 133 -0.53 8.19 15.90
C TRP A 133 -0.99 8.66 17.28
N THR A 134 -1.18 7.70 18.18
CA THR A 134 -1.40 8.01 19.58
C THR A 134 -0.16 7.65 20.40
N ALA A 135 0.49 8.65 20.97
CA ALA A 135 1.66 8.44 21.79
C ALA A 135 1.29 8.51 23.26
N ALA A 136 1.79 7.56 24.04
CA ALA A 136 1.36 7.39 25.42
C ALA A 136 1.93 8.46 26.36
N ASP A 137 3.17 8.89 26.09
CA ASP A 137 3.84 9.85 26.96
C ASP A 137 4.82 10.72 26.17
N MET A 138 5.59 11.54 26.89
CA MET A 138 6.52 12.45 26.24
C MET A 138 7.60 11.72 25.45
N ALA A 139 8.08 10.61 26.00
CA ALA A 139 9.06 9.80 25.29
C ALA A 139 8.49 9.32 23.96
N ALA A 140 7.26 8.82 24.00
CA ALA A 140 6.62 8.27 22.81
C ALA A 140 6.45 9.35 21.74
N GLN A 141 6.34 10.61 22.18
CA GLN A 141 6.20 11.72 21.24
C GLN A 141 7.39 11.79 20.29
N THR A 142 8.58 11.47 20.80
CA THR A 142 9.78 11.50 19.98
C THR A 142 9.65 10.50 18.83
N THR A 143 9.07 9.33 19.12
CA THR A 143 8.86 8.32 18.10
C THR A 143 7.81 8.80 17.11
N LYS A 144 6.74 9.37 17.64
CA LYS A 144 5.66 9.91 16.83
C LYS A 144 6.18 10.89 15.80
N HIS A 145 6.98 11.86 16.25
CA HIS A 145 7.46 12.92 15.37
C HIS A 145 8.38 12.36 14.29
N LYS A 146 9.15 11.35 14.67
CA LYS A 146 10.08 10.69 13.76
C LYS A 146 9.32 9.89 12.69
N TRP A 147 8.20 9.32 13.09
CA TRP A 147 7.40 8.52 12.18
C TRP A 147 6.54 9.39 11.28
N GLU A 148 6.19 10.58 11.76
CA GLU A 148 5.52 11.56 10.93
C GLU A 148 6.49 12.09 9.88
N ALA A 149 7.72 12.35 10.30
CA ALA A 149 8.73 12.88 9.39
C ALA A 149 9.10 11.88 8.31
N ALA A 150 9.01 10.59 8.63
CA ALA A 150 9.35 9.54 7.67
C ALA A 150 8.11 9.03 6.94
N HIS A 151 6.97 9.67 7.19
CA HIS A 151 5.72 9.32 6.54
C HIS A 151 5.44 7.82 6.66
N VAL A 152 5.59 7.30 7.87
CA VAL A 152 5.42 5.88 8.12
C VAL A 152 3.96 5.43 7.97
N ALA A 153 3.03 6.23 8.48
CA ALA A 153 1.63 5.84 8.49
C ALA A 153 1.12 5.54 7.09
N GLU A 154 1.50 6.38 6.13
CA GLU A 154 1.08 6.20 4.75
C GLU A 154 1.50 4.82 4.22
N GLN A 155 2.74 4.43 4.51
CA GLN A 155 3.27 3.16 4.03
C GLN A 155 2.66 1.96 4.74
N LEU A 156 2.41 2.11 6.04
CA LEU A 156 1.73 1.07 6.80
C LEU A 156 0.32 0.87 6.28
N ARG A 157 -0.39 1.98 6.06
CA ARG A 157 -1.76 1.93 5.58
C ARG A 157 -1.88 1.11 4.30
N ALA A 158 -0.99 1.36 3.34
CA ALA A 158 -1.03 0.63 2.08
C ALA A 158 -0.91 -0.87 2.34
N TYR A 159 -0.02 -1.25 3.24
CA TYR A 159 0.14 -2.66 3.60
C TYR A 159 -1.12 -3.21 4.29
N LEU A 160 -1.62 -2.50 5.28
CA LEU A 160 -2.73 -2.99 6.08
C LEU A 160 -4.02 -3.14 5.25
N GLU A 161 -4.28 -2.17 4.38
CA GLU A 161 -5.51 -2.17 3.59
C GLU A 161 -5.39 -3.02 2.32
N GLY A 162 -4.17 -3.27 1.88
CA GLY A 162 -3.98 -4.02 0.64
C GLY A 162 -3.34 -5.38 0.82
N THR A 163 -2.02 -5.38 0.95
CA THR A 163 -1.25 -6.62 1.07
C THR A 163 -1.75 -7.52 2.18
N CYS A 164 -1.96 -6.95 3.37
CA CYS A 164 -2.40 -7.73 4.52
C CYS A 164 -3.70 -8.46 4.19
N VAL A 165 -4.61 -7.76 3.51
CA VAL A 165 -5.88 -8.37 3.11
C VAL A 165 -5.67 -9.47 2.07
N GLU A 166 -4.76 -9.23 1.14
CA GLU A 166 -4.43 -10.25 0.14
C GLU A 166 -3.99 -11.55 0.80
N TRP A 167 -3.06 -11.46 1.76
CA TRP A 167 -2.59 -12.66 2.46
C TRP A 167 -3.73 -13.35 3.17
N LEU A 168 -4.54 -12.58 3.91
CA LEU A 168 -5.63 -13.17 4.67
C LEU A 168 -6.54 -13.99 3.76
N ARG A 169 -6.88 -13.44 2.59
CA ARG A 169 -7.73 -14.14 1.63
C ARG A 169 -7.09 -15.43 1.14
N ARG A 170 -5.82 -15.33 0.74
CA ARG A 170 -5.08 -16.50 0.28
C ARG A 170 -4.97 -17.56 1.37
N TYR A 171 -4.73 -17.13 2.61
CA TYR A 171 -4.63 -18.08 3.72
C TYR A 171 -5.98 -18.74 3.99
N LEU A 172 -7.04 -17.95 3.96
CA LEU A 172 -8.38 -18.47 4.25
C LEU A 172 -8.80 -19.53 3.22
N GLU A 173 -8.41 -19.34 1.97
CA GLU A 173 -8.80 -20.31 0.94
C GLU A 173 -7.94 -21.57 0.98
N ASN A 174 -6.65 -21.42 1.26
CA ASN A 174 -5.80 -22.59 1.43
C ASN A 174 -6.19 -23.37 2.67
N GLY A 175 -6.60 -22.67 3.72
CA GLY A 175 -7.10 -23.22 4.96
C GLY A 175 -8.35 -24.03 4.78
N LYS A 176 -9.26 -23.55 3.99
CA LYS A 176 -10.43 -24.31 3.61
C LYS A 176 -11.20 -24.81 4.78
N GLU A 177 -11.30 -26.10 4.91
CA GLU A 177 -12.21 -26.61 5.87
C GLU A 177 -11.94 -26.23 7.29
N THR A 178 -10.74 -26.45 7.81
CA THR A 178 -10.45 -26.08 9.19
C THR A 178 -10.64 -24.59 9.48
N LEU A 179 -9.91 -23.75 8.75
CA LEU A 179 -9.89 -22.32 9.04
C LEU A 179 -11.26 -21.65 9.09
N GLN A 180 -12.14 -21.98 8.15
CA GLN A 180 -13.39 -21.25 8.01
C GLN A 180 -14.49 -21.77 8.94
N ARG A 181 -14.19 -22.83 9.68
CA ARG A 181 -15.16 -23.47 10.54
C ARG A 181 -15.59 -22.63 11.75
N THR A 182 -16.77 -22.93 12.27
CA THR A 182 -17.17 -22.48 13.58
C THR A 182 -17.70 -23.70 14.31
N ASP A 183 -17.23 -23.89 15.53
CA ASP A 183 -17.69 -24.99 16.36
C ASP A 183 -18.47 -24.44 17.54
N ALA A 184 -19.73 -24.81 17.62
CA ALA A 184 -20.58 -24.37 18.72
C ALA A 184 -20.13 -25.04 20.01
N PRO A 185 -20.26 -24.32 21.13
CA PRO A 185 -19.87 -24.83 22.44
C PRO A 185 -20.69 -26.03 22.88
N LYS A 186 -20.02 -27.08 23.36
CA LYS A 186 -20.70 -28.16 24.05
C LYS A 186 -20.78 -27.79 25.53
N THR A 187 -21.99 -27.59 26.02
CA THR A 187 -22.18 -27.09 27.38
C THR A 187 -22.59 -28.16 28.37
N HIS A 188 -22.33 -27.88 29.64
CA HIS A 188 -22.87 -28.68 30.73
C HIS A 188 -22.67 -27.90 32.03
N MET A 189 -23.23 -28.41 33.12
CA MET A 189 -23.23 -27.68 34.37
C MET A 189 -22.77 -28.56 35.53
N THR A 190 -22.11 -27.95 36.51
CA THR A 190 -21.68 -28.68 37.70
C THR A 190 -22.28 -28.06 38.95
N HIS A 191 -22.22 -28.80 40.06
CA HIS A 191 -22.84 -28.35 41.30
C HIS A 191 -22.25 -29.05 42.53
N HIS A 192 -21.33 -28.37 43.20
CA HIS A 192 -20.83 -28.83 44.49
C HIS A 192 -21.22 -27.82 45.56
N ALA A 193 -21.97 -28.27 46.56
CA ALA A 193 -22.30 -27.42 47.68
C ALA A 193 -21.02 -26.98 48.39
N VAL A 194 -20.96 -25.71 48.76
CA VAL A 194 -19.79 -25.20 49.49
C VAL A 194 -20.06 -25.23 50.99
N SER A 195 -20.82 -24.26 51.48
CA SER A 195 -21.23 -24.24 52.88
C SER A 195 -22.64 -24.82 53.03
N ASP A 196 -23.12 -24.89 54.26
CA ASP A 196 -24.43 -25.47 54.54
C ASP A 196 -25.53 -24.75 53.78
N HIS A 197 -25.42 -23.44 53.68
CA HIS A 197 -26.47 -22.63 53.08
C HIS A 197 -26.10 -22.08 51.70
N GLU A 198 -24.98 -22.53 51.17
CA GLU A 198 -24.53 -22.07 49.86
C GLU A 198 -24.11 -23.23 48.96
N ALA A 199 -24.04 -22.95 47.67
CA ALA A 199 -23.63 -23.95 46.68
C ALA A 199 -23.09 -23.27 45.43
N THR A 200 -22.18 -23.95 44.74
CA THR A 200 -21.57 -23.39 43.54
C THR A 200 -22.17 -23.97 42.26
N LEU A 201 -22.54 -23.09 41.35
CA LEU A 201 -22.99 -23.50 40.01
C LEU A 201 -21.97 -23.08 38.97
N ARG A 202 -21.38 -24.06 38.28
CA ARG A 202 -20.38 -23.76 37.25
C ARG A 202 -20.90 -24.13 35.87
N CYS A 203 -20.99 -23.12 35.02
CA CYS A 203 -21.42 -23.30 33.64
C CYS A 203 -20.22 -23.56 32.74
N TRP A 204 -20.24 -24.67 32.02
CA TRP A 204 -19.11 -25.07 31.17
C TRP A 204 -19.37 -24.88 29.69
N ALA A 205 -18.37 -24.36 28.98
CA ALA A 205 -18.40 -24.29 27.52
C ALA A 205 -17.14 -24.95 26.97
N LEU A 206 -17.33 -25.96 26.13
CA LEU A 206 -16.23 -26.77 25.63
C LEU A 206 -16.23 -26.87 24.11
N SER A 207 -15.08 -27.26 23.56
CA SER A 207 -14.95 -27.57 22.13
C SER A 207 -15.43 -26.49 21.18
N PHE A 208 -15.30 -25.22 21.54
CA PHE A 208 -15.75 -24.16 20.65
C PHE A 208 -14.63 -23.47 19.87
N TYR A 209 -14.99 -22.88 18.74
CA TYR A 209 -14.08 -22.10 17.92
C TYR A 209 -14.93 -21.17 17.06
N PRO A 210 -14.51 -19.91 16.92
CA PRO A 210 -13.28 -19.32 17.47
C PRO A 210 -13.36 -19.14 18.98
N ALA A 211 -12.31 -18.55 19.54
CA ALA A 211 -12.19 -18.40 21.00
C ALA A 211 -13.22 -17.44 21.60
N GLU A 212 -13.68 -16.49 20.79
CA GLU A 212 -14.61 -15.48 21.28
C GLU A 212 -15.92 -16.10 21.76
N ILE A 213 -16.25 -15.85 23.02
CA ILE A 213 -17.48 -16.36 23.62
C ILE A 213 -17.91 -15.46 24.76
N THR A 214 -19.18 -15.59 25.17
CA THR A 214 -19.67 -14.85 26.33
C THR A 214 -20.55 -15.71 27.23
N LEU A 215 -20.06 -15.96 28.44
CA LEU A 215 -20.82 -16.67 29.45
C LEU A 215 -21.32 -15.66 30.48
N THR A 216 -22.63 -15.68 30.76
CA THR A 216 -23.20 -14.78 31.76
C THR A 216 -24.22 -15.49 32.65
N TRP A 217 -24.18 -15.19 33.94
CA TRP A 217 -25.16 -15.73 34.88
C TRP A 217 -26.26 -14.71 35.15
N GLN A 218 -27.51 -15.19 35.18
CA GLN A 218 -28.65 -14.34 35.49
C GLN A 218 -29.43 -14.91 36.66
N ARG A 219 -29.91 -14.02 37.53
CA ARG A 219 -30.67 -14.42 38.70
C ARG A 219 -32.09 -13.87 38.60
N ASP A 220 -33.06 -14.78 38.51
CA ASP A 220 -34.45 -14.40 38.27
C ASP A 220 -34.58 -13.51 37.03
N GLY A 221 -33.65 -13.68 36.09
CA GLY A 221 -33.73 -12.98 34.82
C GLY A 221 -32.81 -11.78 34.67
N GLU A 222 -32.09 -11.44 35.74
CA GLU A 222 -31.20 -10.30 35.67
C GLU A 222 -29.75 -10.69 35.93
N ASP A 223 -28.82 -10.01 35.27
CA ASP A 223 -27.40 -10.30 35.42
C ASP A 223 -26.96 -10.17 36.87
N GLN A 224 -25.71 -10.51 37.13
CA GLN A 224 -25.25 -10.61 38.50
C GLN A 224 -23.89 -10.14 39.01
N THR A 225 -23.02 -9.69 38.10
CA THR A 225 -21.60 -9.46 38.41
C THR A 225 -21.66 -8.37 39.48
N GLN A 226 -21.68 -8.70 40.74
CA GLN A 226 -20.76 -9.51 41.45
C GLN A 226 -20.27 -10.64 42.29
N ASP A 227 -20.99 -11.75 42.15
CA ASP A 227 -20.59 -13.01 42.69
C ASP A 227 -20.20 -14.01 41.64
N THR A 228 -19.84 -13.57 40.42
CA THR A 228 -19.55 -14.59 39.42
C THR A 228 -18.09 -14.60 38.95
N GLU A 229 -17.51 -15.80 38.94
CA GLU A 229 -16.11 -15.99 38.62
C GLU A 229 -15.94 -16.51 37.20
N LEU A 230 -15.18 -15.78 36.38
CA LEU A 230 -14.94 -16.15 34.98
C LEU A 230 -13.47 -16.46 34.73
N VAL A 231 -13.15 -17.72 34.46
CA VAL A 231 -11.77 -18.04 34.08
C VAL A 231 -11.51 -17.59 32.65
N GLU A 232 -10.23 -17.35 32.35
CA GLU A 232 -9.86 -16.87 31.03
C GLU A 232 -10.01 -18.01 30.03
N THR A 233 -10.50 -17.68 28.83
CA THR A 233 -10.67 -18.68 27.79
C THR A 233 -9.33 -19.37 27.56
N ARG A 234 -9.36 -20.68 27.37
CA ARG A 234 -8.14 -21.46 27.34
C ARG A 234 -8.14 -22.48 26.21
N PRO A 235 -6.98 -22.69 25.59
CA PRO A 235 -6.82 -23.65 24.48
C PRO A 235 -6.95 -25.07 25.00
N ALA A 236 -7.70 -25.92 24.31
CA ALA A 236 -7.81 -27.32 24.69
C ALA A 236 -6.62 -28.09 24.14
N GLY A 237 -6.05 -27.59 23.04
CA GLY A 237 -4.89 -28.21 22.44
C GLY A 237 -5.21 -28.89 21.12
N ASP A 238 -6.48 -28.93 20.75
CA ASP A 238 -6.90 -29.59 19.52
C ASP A 238 -7.51 -28.61 18.52
N GLY A 239 -7.31 -27.32 18.74
CA GLY A 239 -7.87 -26.30 17.87
C GLY A 239 -9.18 -25.74 18.41
N THR A 240 -9.62 -26.26 19.56
CA THR A 240 -10.83 -25.76 20.21
C THR A 240 -10.49 -25.09 21.53
N PHE A 241 -11.47 -24.37 22.07
CA PHE A 241 -11.26 -23.64 23.31
C PHE A 241 -12.28 -24.02 24.37
N GLN A 242 -12.00 -23.62 25.61
CA GLN A 242 -12.86 -23.93 26.74
C GLN A 242 -12.95 -22.70 27.63
N LYS A 243 -14.06 -22.59 28.35
CA LYS A 243 -14.23 -21.51 29.32
C LYS A 243 -15.29 -21.93 30.31
N TRP A 244 -15.29 -21.32 31.50
CA TRP A 244 -16.39 -21.52 32.43
C TRP A 244 -16.72 -20.30 33.29
N ALA A 245 -17.94 -20.28 33.80
CA ALA A 245 -18.44 -19.20 34.62
C ALA A 245 -19.18 -19.80 35.81
N ALA A 246 -18.74 -19.46 37.01
CA ALA A 246 -19.35 -20.01 38.20
C ALA A 246 -20.05 -18.92 38.99
N VAL A 247 -20.96 -19.35 39.86
CA VAL A 247 -21.64 -18.43 40.77
C VAL A 247 -21.96 -19.19 42.04
N VAL A 248 -21.85 -18.52 43.18
CA VAL A 248 -22.24 -19.12 44.44
C VAL A 248 -23.66 -18.70 44.77
N VAL A 249 -24.53 -19.67 44.99
CA VAL A 249 -25.95 -19.40 45.17
C VAL A 249 -26.46 -19.99 46.48
N PRO A 250 -27.40 -19.30 47.13
CA PRO A 250 -28.03 -19.77 48.36
C PRO A 250 -28.50 -21.20 48.13
N SER A 251 -28.14 -22.10 49.05
CA SER A 251 -28.51 -23.50 48.94
C SER A 251 -30.03 -23.63 48.90
N GLY A 252 -30.58 -23.81 47.71
CA GLY A 252 -32.01 -24.00 47.57
C GLY A 252 -32.67 -23.18 46.47
N GLN A 253 -31.90 -22.31 45.83
CA GLN A 253 -32.45 -21.46 44.77
C GLN A 253 -31.70 -21.66 43.46
N GLU A 254 -31.15 -22.85 43.28
CA GLU A 254 -30.41 -23.22 42.08
C GLU A 254 -31.25 -23.04 40.82
N GLN A 255 -32.57 -23.18 40.94
CA GLN A 255 -33.47 -23.08 39.79
C GLN A 255 -33.75 -21.64 39.40
N ARG A 256 -33.32 -20.70 40.23
CA ARG A 256 -33.56 -19.28 39.95
C ARG A 256 -32.42 -18.67 39.16
N TYR A 257 -31.39 -19.46 38.88
CA TYR A 257 -30.21 -18.99 38.17
C TYR A 257 -30.10 -19.59 36.77
N THR A 258 -29.77 -18.75 35.80
CA THR A 258 -29.60 -19.19 34.42
C THR A 258 -28.26 -18.75 33.83
N CYS A 259 -27.58 -19.69 33.18
CA CYS A 259 -26.35 -19.38 32.47
C CYS A 259 -26.66 -19.07 31.00
N HIS A 260 -26.11 -17.98 30.50
CA HIS A 260 -26.36 -17.57 29.12
C HIS A 260 -25.11 -17.68 28.26
N VAL A 261 -25.20 -18.43 27.16
CA VAL A 261 -24.06 -18.67 26.30
C VAL A 261 -24.20 -18.01 24.94
N GLN A 262 -23.22 -17.18 24.59
CA GLN A 262 -23.21 -16.50 23.31
C GLN A 262 -21.95 -16.85 22.52
N HIS A 263 -22.16 -17.42 21.34
CA HIS A 263 -21.07 -17.82 20.46
C HIS A 263 -21.57 -17.76 19.03
N GLU A 264 -20.68 -17.42 18.09
CA GLU A 264 -21.11 -17.24 16.71
C GLU A 264 -21.45 -18.57 16.04
N GLY A 265 -21.18 -19.67 16.72
CA GLY A 265 -21.55 -20.98 16.21
C GLY A 265 -22.93 -21.37 16.68
N LEU A 266 -23.50 -20.58 17.57
CA LEU A 266 -24.83 -20.83 18.09
C LEU A 266 -25.84 -19.94 17.36
N PRO A 267 -26.83 -20.57 16.69
CA PRO A 267 -27.85 -19.81 15.97
C PRO A 267 -28.55 -18.83 16.91
N LYS A 268 -28.88 -19.31 18.11
CA LYS A 268 -29.46 -18.44 19.14
C LYS A 268 -28.79 -18.72 20.48
N PRO A 269 -28.55 -17.66 21.27
CA PRO A 269 -27.92 -17.76 22.59
C PRO A 269 -28.62 -18.79 23.47
N LEU A 270 -27.84 -19.58 24.19
CA LEU A 270 -28.41 -20.63 25.03
C LEU A 270 -28.69 -20.15 26.45
N THR A 271 -29.82 -20.61 26.99
CA THR A 271 -30.13 -20.39 28.40
C THR A 271 -30.17 -21.75 29.10
N LEU A 272 -29.35 -21.91 30.14
CA LEU A 272 -29.27 -23.19 30.83
C LEU A 272 -29.62 -23.06 32.30
N ARG A 273 -30.07 -24.16 32.89
CA ARG A 273 -30.34 -24.21 34.33
C ARG A 273 -29.99 -25.56 34.93
N TRP A 274 -29.64 -25.54 36.21
CA TRP A 274 -29.39 -26.75 36.97
C TRP A 274 -30.72 -27.47 37.18
N GLU A 275 -30.70 -28.80 37.15
CA GLU A 275 -31.93 -29.57 37.37
C GLU A 275 -31.66 -30.95 37.96
N MET B 1 7.35 0.10 35.22
CA MET B 1 7.35 -1.34 34.97
C MET B 1 6.00 -1.96 35.33
N ILE B 2 5.53 -2.86 34.49
CA ILE B 2 4.27 -3.55 34.72
C ILE B 2 4.52 -4.96 35.22
N GLN B 3 3.83 -5.36 36.28
CA GLN B 3 3.96 -6.72 36.80
C GLN B 3 2.59 -7.36 36.99
N ARG B 4 2.39 -8.50 36.33
CA ARG B 4 1.14 -9.22 36.41
C ARG B 4 1.43 -10.64 36.81
N THR B 5 0.68 -11.15 37.79
CA THR B 5 0.87 -12.54 38.21
C THR B 5 0.12 -13.46 37.26
N PRO B 6 0.70 -14.64 36.98
CA PRO B 6 0.07 -15.60 36.06
C PRO B 6 -1.21 -16.22 36.62
N LYS B 7 -2.25 -16.28 35.78
CA LYS B 7 -3.41 -17.09 36.10
C LYS B 7 -3.16 -18.50 35.58
N ILE B 8 -3.34 -19.47 36.45
CA ILE B 8 -2.93 -20.84 36.17
C ILE B 8 -4.15 -21.75 36.11
N GLN B 9 -4.20 -22.58 35.08
CA GLN B 9 -5.29 -23.54 34.91
C GLN B 9 -4.70 -24.88 34.49
N VAL B 10 -5.05 -25.93 35.23
CA VAL B 10 -4.60 -27.27 34.93
C VAL B 10 -5.81 -28.12 34.56
N TYR B 11 -5.72 -28.82 33.44
CA TYR B 11 -6.89 -29.51 32.90
C TYR B 11 -6.49 -30.43 31.77
N SER B 12 -7.43 -31.29 31.36
CA SER B 12 -7.18 -32.23 30.29
C SER B 12 -7.74 -31.71 28.97
N ARG B 13 -7.18 -32.20 27.87
CA ARG B 13 -7.64 -31.79 26.54
C ARG B 13 -9.07 -32.26 26.29
N HIS B 14 -9.31 -33.53 26.58
CA HIS B 14 -10.65 -34.10 26.49
C HIS B 14 -11.11 -34.48 27.88
N PRO B 15 -12.44 -34.61 28.06
CA PRO B 15 -12.94 -35.08 29.36
C PRO B 15 -12.18 -36.34 29.80
N ALA B 16 -11.68 -36.35 31.02
CA ALA B 16 -10.82 -37.44 31.49
C ALA B 16 -11.57 -38.77 31.61
N GLU B 17 -10.89 -39.85 31.25
CA GLU B 17 -11.43 -41.19 31.37
C GLU B 17 -10.27 -42.17 31.62
N ASN B 18 -10.21 -42.70 32.83
CA ASN B 18 -9.13 -43.59 33.23
C ASN B 18 -8.87 -44.69 32.21
N GLY B 19 -7.59 -44.86 31.85
CA GLY B 19 -7.19 -45.92 30.95
C GLY B 19 -7.00 -45.47 29.51
N LYS B 20 -7.51 -44.30 29.18
CA LYS B 20 -7.43 -43.80 27.81
C LYS B 20 -6.56 -42.56 27.69
N SER B 21 -5.58 -42.60 26.78
CA SER B 21 -4.66 -41.50 26.58
C SER B 21 -5.39 -40.18 26.35
N ASN B 22 -4.73 -39.10 26.74
CA ASN B 22 -5.30 -37.76 26.67
C ASN B 22 -4.14 -36.78 26.68
N PHE B 23 -4.40 -35.51 26.96
CA PHE B 23 -3.33 -34.55 27.14
C PHE B 23 -3.56 -33.74 28.41
N LEU B 24 -2.52 -33.62 29.21
CA LEU B 24 -2.60 -32.80 30.42
C LEU B 24 -2.07 -31.40 30.10
N ASN B 25 -2.88 -30.40 30.39
CA ASN B 25 -2.55 -29.02 30.06
C ASN B 25 -2.31 -28.17 31.29
N CYS B 26 -1.35 -27.26 31.17
CA CYS B 26 -1.22 -26.19 32.15
C CYS B 26 -1.17 -24.88 31.37
N TYR B 27 -2.21 -24.08 31.53
CA TYR B 27 -2.32 -22.83 30.79
C TYR B 27 -2.07 -21.67 31.74
N VAL B 28 -1.05 -20.87 31.42
CA VAL B 28 -0.71 -19.72 32.23
C VAL B 28 -0.91 -18.46 31.41
N SER B 29 -1.72 -17.54 31.92
CA SER B 29 -2.12 -16.37 31.16
C SER B 29 -2.15 -15.11 32.00
N GLY B 30 -2.15 -13.97 31.33
CA GLY B 30 -2.25 -12.68 32.01
C GLY B 30 -1.02 -12.26 32.81
N PHE B 31 0.15 -12.84 32.50
CA PHE B 31 1.36 -12.49 33.24
C PHE B 31 2.29 -11.52 32.52
N HIS B 32 3.23 -10.96 33.28
CA HIS B 32 4.21 -10.00 32.78
C HIS B 32 5.19 -9.72 33.92
N PRO B 33 6.50 -9.71 33.65
CA PRO B 33 7.19 -9.97 32.38
C PRO B 33 7.03 -11.41 31.90
N SER B 34 7.69 -11.74 30.80
CA SER B 34 7.49 -13.00 30.10
C SER B 34 8.25 -14.18 30.71
N ASP B 35 9.31 -13.88 31.45
CA ASP B 35 10.09 -14.96 32.06
C ASP B 35 9.23 -15.73 33.05
N ILE B 36 9.22 -17.05 32.91
CA ILE B 36 8.38 -17.88 33.73
C ILE B 36 8.80 -19.33 33.54
N GLU B 37 8.82 -20.09 34.61
CA GLU B 37 9.07 -21.52 34.48
C GLU B 37 7.83 -22.32 34.86
N VAL B 38 7.57 -23.37 34.10
CA VAL B 38 6.37 -24.15 34.27
C VAL B 38 6.74 -25.62 34.19
N ASP B 39 6.28 -26.39 35.16
CA ASP B 39 6.48 -27.84 35.11
C ASP B 39 5.20 -28.60 35.43
N LEU B 40 5.05 -29.75 34.78
CA LEU B 40 3.95 -30.65 35.06
C LEU B 40 4.46 -31.77 35.95
N LEU B 41 3.73 -32.07 37.00
CA LEU B 41 4.20 -33.05 37.98
C LEU B 41 3.31 -34.30 38.04
N LYS B 42 3.94 -35.45 37.89
CA LYS B 42 3.26 -36.72 38.09
C LYS B 42 3.72 -37.32 39.40
N ASN B 43 2.83 -37.32 40.39
CA ASN B 43 3.19 -37.84 41.71
C ASN B 43 4.34 -37.04 42.31
N GLY B 44 4.28 -35.71 42.17
CA GLY B 44 5.26 -34.83 42.77
C GLY B 44 6.62 -34.84 42.10
N GLU B 45 6.73 -35.58 41.00
CA GLU B 45 7.97 -35.58 40.22
C GLU B 45 7.73 -34.90 38.87
N ARG B 46 8.70 -34.08 38.45
CA ARG B 46 8.56 -33.35 37.20
C ARG B 46 8.55 -34.32 36.01
N ILE B 47 7.70 -34.01 35.04
CA ILE B 47 7.68 -34.77 33.80
C ILE B 47 8.63 -34.11 32.81
N GLU B 48 9.51 -34.92 32.21
CA GLU B 48 10.49 -34.40 31.26
C GLU B 48 9.84 -34.08 29.92
N LYS B 49 9.11 -35.05 29.37
CA LYS B 49 8.58 -34.96 28.02
C LYS B 49 7.37 -34.03 27.92
N VAL B 50 7.58 -32.75 28.20
CA VAL B 50 6.53 -31.75 28.11
C VAL B 50 6.84 -30.78 26.98
N GLU B 51 5.80 -30.32 26.29
CA GLU B 51 5.97 -29.33 25.25
C GLU B 51 5.30 -28.03 25.66
N HIS B 52 5.54 -26.96 24.91
CA HIS B 52 4.90 -25.69 25.19
C HIS B 52 4.71 -24.84 23.94
N SER B 53 3.71 -23.96 23.98
CA SER B 53 3.39 -23.11 22.85
C SER B 53 4.38 -21.96 22.69
N ASP B 54 4.31 -21.26 21.56
CA ASP B 54 5.15 -20.10 21.32
C ASP B 54 4.61 -18.90 22.06
N LEU B 55 5.48 -18.18 22.75
CA LEU B 55 5.05 -17.01 23.51
C LEU B 55 4.18 -16.08 22.65
N SER B 56 3.05 -15.67 23.22
CA SER B 56 2.16 -14.72 22.56
C SER B 56 1.43 -13.93 23.63
N PHE B 57 0.70 -12.90 23.24
CA PHE B 57 0.06 -12.03 24.22
C PHE B 57 -1.34 -11.59 23.79
N SER B 58 -2.10 -11.11 24.78
CA SER B 58 -3.47 -10.68 24.55
C SER B 58 -3.54 -9.19 24.25
N LYS B 59 -4.76 -8.67 24.20
CA LYS B 59 -4.99 -7.26 23.88
C LYS B 59 -4.34 -6.34 24.89
N ASP B 60 -4.28 -6.77 26.15
CA ASP B 60 -3.73 -5.94 27.22
C ASP B 60 -2.22 -6.08 27.34
N TRP B 61 -1.63 -6.83 26.41
CA TRP B 61 -0.18 -7.06 26.34
C TRP B 61 0.31 -8.15 27.29
N SER B 62 -0.59 -8.72 28.09
CA SER B 62 -0.23 -9.80 29.00
C SER B 62 0.03 -11.08 28.23
N PHE B 63 1.03 -11.84 28.66
CA PHE B 63 1.46 -13.04 27.94
C PHE B 63 0.62 -14.27 28.28
N TYR B 64 0.65 -15.26 27.39
CA TYR B 64 0.08 -16.56 27.70
C TYR B 64 0.92 -17.68 27.09
N LEU B 65 0.93 -18.82 27.75
CA LEU B 65 1.64 -20.00 27.27
C LEU B 65 0.83 -21.25 27.62
N LEU B 66 0.90 -22.24 26.75
CA LEU B 66 0.32 -23.54 27.05
C LEU B 66 1.41 -24.58 27.17
N TYR B 67 1.54 -25.18 28.35
CA TYR B 67 2.41 -26.34 28.54
C TYR B 67 1.52 -27.57 28.53
N TYR B 68 1.98 -28.63 27.87
CA TYR B 68 1.15 -29.80 27.72
C TYR B 68 1.97 -31.07 27.55
N THR B 69 1.40 -32.19 27.98
CA THR B 69 2.06 -33.48 27.85
C THR B 69 1.04 -34.57 27.61
N GLU B 70 1.45 -35.58 26.84
CA GLU B 70 0.59 -36.72 26.57
C GLU B 70 0.61 -37.69 27.75
N PHE B 71 -0.55 -38.17 28.15
CA PHE B 71 -0.64 -39.03 29.32
C PHE B 71 -1.88 -39.90 29.31
N THR B 72 -1.87 -40.92 30.16
CA THR B 72 -3.05 -41.76 30.38
C THR B 72 -3.46 -41.65 31.84
N PRO B 73 -4.62 -41.02 32.10
CA PRO B 73 -5.05 -40.78 33.47
C PRO B 73 -5.44 -42.08 34.15
N THR B 74 -4.73 -42.46 35.20
CA THR B 74 -5.10 -43.62 36.00
C THR B 74 -5.60 -43.17 37.36
N GLU B 75 -6.47 -43.98 37.96
CA GLU B 75 -7.11 -43.61 39.22
C GLU B 75 -6.11 -43.21 40.32
N LYS B 76 -4.93 -43.82 40.30
CA LYS B 76 -3.89 -43.50 41.27
C LYS B 76 -3.16 -42.20 40.93
N ASP B 77 -2.36 -42.26 39.88
CA ASP B 77 -1.46 -41.17 39.51
C ASP B 77 -2.09 -39.77 39.67
N GLU B 78 -1.46 -38.93 40.49
CA GLU B 78 -1.88 -37.55 40.68
C GLU B 78 -1.06 -36.59 39.83
N TYR B 79 -1.66 -35.45 39.48
CA TYR B 79 -1.02 -34.51 38.57
C TYR B 79 -1.15 -33.08 39.03
N ALA B 80 -0.11 -32.29 38.77
CA ALA B 80 -0.08 -30.90 39.17
C ALA B 80 0.78 -30.03 38.27
N CYS B 81 0.57 -28.71 38.36
CA CYS B 81 1.39 -27.76 37.63
C CYS B 81 2.11 -26.84 38.61
N ARG B 82 3.42 -26.71 38.45
CA ARG B 82 4.19 -25.80 39.28
C ARG B 82 4.66 -24.61 38.47
N VAL B 83 4.39 -23.42 38.97
CA VAL B 83 4.71 -22.20 38.26
C VAL B 83 5.52 -21.24 39.12
N ASN B 84 6.62 -20.76 38.55
CA ASN B 84 7.43 -19.75 39.20
C ASN B 84 7.53 -18.49 38.36
N HIS B 85 7.32 -17.34 39.00
CA HIS B 85 7.31 -16.07 38.32
C HIS B 85 7.70 -14.98 39.32
N VAL B 86 8.27 -13.89 38.83
CA VAL B 86 8.78 -12.82 39.69
C VAL B 86 7.69 -12.25 40.60
N THR B 87 6.43 -12.47 40.25
CA THR B 87 5.33 -11.97 41.06
C THR B 87 4.98 -12.95 42.18
N LEU B 88 5.65 -14.09 42.20
CA LEU B 88 5.35 -15.14 43.17
C LEU B 88 6.44 -15.26 44.24
N SER B 89 6.07 -14.96 45.48
CA SER B 89 6.99 -15.07 46.61
C SER B 89 7.54 -16.49 46.70
N GLN B 90 6.76 -17.46 46.21
CA GLN B 90 7.17 -18.85 46.18
C GLN B 90 6.47 -19.55 45.02
N PRO B 91 7.09 -20.61 44.47
CA PRO B 91 6.43 -21.29 43.36
C PRO B 91 5.00 -21.65 43.72
N LYS B 92 4.10 -21.64 42.74
CA LYS B 92 2.73 -22.05 42.99
C LYS B 92 2.48 -23.43 42.39
N ILE B 93 1.83 -24.29 43.16
CA ILE B 93 1.49 -25.61 42.67
C ILE B 93 -0.03 -25.69 42.55
N VAL B 94 -0.51 -25.87 41.33
CA VAL B 94 -1.93 -26.05 41.10
C VAL B 94 -2.21 -27.50 40.73
N LYS B 95 -2.97 -28.19 41.58
CA LYS B 95 -3.29 -29.60 41.36
C LYS B 95 -4.34 -29.78 40.27
N TRP B 96 -4.25 -30.89 39.55
CA TRP B 96 -5.25 -31.20 38.55
C TRP B 96 -6.52 -31.73 39.20
N ASP B 97 -7.55 -30.90 39.23
CA ASP B 97 -8.84 -31.31 39.76
C ASP B 97 -9.66 -31.99 38.66
N ARG B 98 -9.41 -33.28 38.48
CA ARG B 98 -10.07 -34.08 37.45
C ARG B 98 -11.58 -33.88 37.48
N ASP B 99 -12.06 -33.34 38.60
CA ASP B 99 -13.48 -33.27 38.89
C ASP B 99 -13.89 -31.85 39.29
N MET B 100 -13.95 -30.95 38.31
CA MET B 100 -14.29 -29.54 38.58
C MET B 100 -15.58 -29.13 37.91
N GLY C 1 1.62 -12.94 5.30
CA GLY C 1 2.98 -12.51 5.05
C GLY C 1 3.33 -11.23 5.80
N LEU C 2 4.57 -11.15 6.28
CA LEU C 2 5.04 -9.99 7.03
C LEU C 2 5.25 -8.77 6.17
N MET C 3 5.09 -7.61 6.80
CA MET C 3 5.46 -6.32 6.26
C MET C 3 6.93 -6.34 5.85
N TRP C 4 7.27 -5.63 4.78
CA TRP C 4 8.64 -5.65 4.25
C TRP C 4 9.59 -4.60 4.86
N LEU C 5 9.05 -3.68 5.63
CA LEU C 5 9.89 -2.64 6.21
C LEU C 5 9.50 -2.32 7.65
N SER C 6 10.48 -2.34 8.55
CA SER C 6 10.26 -1.86 9.91
C SER C 6 10.80 -0.46 10.04
N TYR C 7 10.37 0.24 11.09
CA TYR C 7 10.79 1.60 11.35
C TYR C 7 11.23 1.69 12.80
N PHE C 8 12.42 2.22 13.03
CA PHE C 8 12.95 2.30 14.37
C PHE C 8 12.16 3.30 15.21
N VAL C 9 11.90 2.98 16.46
CA VAL C 9 11.24 3.91 17.35
C VAL C 9 12.16 5.06 17.75
N GLY D 1 -16.74 10.49 -15.47
CA GLY D 1 -15.79 9.77 -16.31
C GLY D 1 -14.60 9.23 -15.53
N SER D 2 -13.72 8.53 -16.24
CA SER D 2 -12.52 7.94 -15.65
C SER D 2 -11.43 8.98 -15.45
N HIS D 3 -10.51 8.69 -14.55
CA HIS D 3 -9.39 9.61 -14.30
C HIS D 3 -8.09 8.88 -14.07
N SER D 4 -6.99 9.63 -14.10
CA SER D 4 -5.68 9.03 -13.96
C SER D 4 -4.75 9.99 -13.24
N MET D 5 -3.78 9.43 -12.53
CA MET D 5 -2.64 10.21 -12.07
C MET D 5 -1.39 9.54 -12.62
N ARG D 6 -0.48 10.34 -13.15
CA ARG D 6 0.70 9.81 -13.82
C ARG D 6 1.94 10.60 -13.46
N TYR D 7 3.01 9.90 -13.15
CA TYR D 7 4.29 10.57 -13.01
C TYR D 7 5.23 10.12 -14.14
N PHE D 8 5.98 11.06 -14.69
CA PHE D 8 6.95 10.78 -15.73
C PHE D 8 8.32 11.26 -15.31
N PHE D 9 9.34 10.42 -15.44
CA PHE D 9 10.69 10.79 -15.09
C PHE D 9 11.67 10.53 -16.23
N THR D 10 12.53 11.50 -16.52
CA THR D 10 13.59 11.32 -17.49
C THR D 10 14.95 11.67 -16.88
N SER D 11 15.90 10.74 -16.96
CA SER D 11 17.27 11.02 -16.56
C SER D 11 18.22 10.82 -17.74
N VAL D 12 19.10 11.80 -17.96
CA VAL D 12 20.01 11.75 -19.10
C VAL D 12 21.46 11.96 -18.67
N SER D 13 22.27 10.92 -18.80
CA SER D 13 23.70 11.03 -18.51
C SER D 13 24.37 12.01 -19.45
N ARG D 14 25.41 12.68 -18.95
CA ARG D 14 26.18 13.61 -19.75
C ARG D 14 27.61 13.61 -19.24
N PRO D 15 28.34 12.51 -19.52
CA PRO D 15 29.67 12.21 -18.98
C PRO D 15 30.64 13.39 -19.10
N GLY D 16 31.32 13.70 -18.01
CA GLY D 16 32.27 14.81 -17.97
C GLY D 16 31.60 16.16 -17.96
N ARG D 17 30.27 16.18 -17.90
CA ARG D 17 29.53 17.44 -17.91
C ARG D 17 28.57 17.51 -16.72
N GLY D 18 28.90 16.79 -15.65
CA GLY D 18 28.13 16.80 -14.43
C GLY D 18 27.24 15.57 -14.23
N GLU D 19 26.39 15.62 -13.21
CA GLU D 19 25.45 14.54 -12.94
C GLU D 19 24.35 14.56 -14.00
N PRO D 20 23.62 13.44 -14.12
CA PRO D 20 22.59 13.37 -15.18
C PRO D 20 21.51 14.43 -15.02
N ARG D 21 21.05 14.97 -16.14
CA ARG D 21 19.86 15.82 -16.14
C ARG D 21 18.65 14.99 -15.70
N PHE D 22 17.93 15.45 -14.69
CA PHE D 22 16.74 14.73 -14.23
C PHE D 22 15.51 15.60 -14.25
N ILE D 23 14.46 15.14 -14.93
CA ILE D 23 13.21 15.87 -14.96
C ILE D 23 12.01 14.99 -14.59
N ALA D 24 11.20 15.49 -13.66
CA ALA D 24 10.01 14.79 -13.23
C ALA D 24 8.78 15.66 -13.42
N VAL D 25 7.72 15.09 -13.96
CA VAL D 25 6.46 15.80 -14.11
C VAL D 25 5.32 14.94 -13.59
N GLY D 26 4.35 15.57 -12.93
CA GLY D 26 3.17 14.86 -12.46
C GLY D 26 1.93 15.37 -13.17
N TYR D 27 1.03 14.46 -13.52
CA TYR D 27 -0.20 14.81 -14.22
C TYR D 27 -1.42 14.20 -13.53
N VAL D 28 -2.52 14.94 -13.52
CA VAL D 28 -3.83 14.34 -13.31
C VAL D 28 -4.60 14.54 -14.62
N ASP D 29 -5.10 13.45 -15.18
CA ASP D 29 -5.67 13.51 -16.52
C ASP D 29 -4.70 14.24 -17.44
N ASP D 30 -5.17 15.29 -18.13
CA ASP D 30 -4.30 16.03 -19.06
C ASP D 30 -3.74 17.32 -18.47
N THR D 31 -3.73 17.42 -17.15
CA THR D 31 -3.27 18.62 -16.46
C THR D 31 -2.01 18.37 -15.63
N GLN D 32 -0.95 19.12 -15.93
CA GLN D 32 0.28 19.01 -15.14
C GLN D 32 0.12 19.77 -13.83
N PHE D 33 0.51 19.14 -12.72
CA PHE D 33 0.35 19.79 -11.42
C PHE D 33 1.66 19.94 -10.63
N VAL D 34 2.67 19.15 -10.98
CA VAL D 34 4.01 19.34 -10.39
C VAL D 34 5.15 19.16 -11.37
N ARG D 35 6.31 19.70 -10.99
CA ARG D 35 7.53 19.51 -11.77
C ARG D 35 8.74 19.53 -10.86
N PHE D 36 9.79 18.83 -11.28
CA PHE D 36 11.11 18.99 -10.70
C PHE D 36 12.14 18.94 -11.83
N ASP D 37 13.12 19.84 -11.77
CA ASP D 37 14.16 19.89 -12.78
C ASP D 37 15.51 20.07 -12.10
N SER D 38 16.39 19.09 -12.25
CA SER D 38 17.67 19.08 -11.56
C SER D 38 18.52 20.30 -11.86
N ASP D 39 18.27 20.93 -13.00
CA ASP D 39 19.06 22.09 -13.44
C ASP D 39 18.42 23.42 -13.04
N ALA D 40 17.19 23.37 -12.53
CA ALA D 40 16.51 24.58 -12.07
C ALA D 40 17.07 25.04 -10.73
N ALA D 41 16.79 26.29 -10.37
CA ALA D 41 17.42 26.90 -9.21
C ALA D 41 16.85 26.47 -7.87
N SER D 42 15.54 26.22 -7.82
CA SER D 42 14.85 25.94 -6.57
C SER D 42 15.33 24.67 -5.88
N GLN D 43 15.59 23.63 -6.67
CA GLN D 43 15.95 22.32 -6.13
C GLN D 43 14.81 21.73 -5.31
N ARG D 44 13.58 22.04 -5.69
CA ARG D 44 12.41 21.52 -5.02
C ARG D 44 11.32 21.12 -6.01
N MET D 45 10.41 20.26 -5.58
CA MET D 45 9.22 19.98 -6.35
C MET D 45 8.43 21.29 -6.39
N GLU D 46 8.01 21.69 -7.59
CA GLU D 46 7.33 22.96 -7.77
C GLU D 46 5.90 22.77 -8.25
N PRO D 47 4.99 23.63 -7.78
CA PRO D 47 3.58 23.62 -8.18
C PRO D 47 3.43 24.03 -9.64
N ARG D 48 2.49 23.41 -10.35
CA ARG D 48 2.18 23.80 -11.73
C ARG D 48 0.69 23.84 -11.98
N ALA D 49 -0.10 23.65 -10.93
CA ALA D 49 -1.55 23.79 -11.01
C ALA D 49 -2.05 24.54 -9.77
N PRO D 50 -3.04 25.42 -9.96
CA PRO D 50 -3.52 26.25 -8.85
C PRO D 50 -3.90 25.43 -7.62
N TRP D 51 -4.63 24.34 -7.82
CA TRP D 51 -5.18 23.56 -6.70
C TRP D 51 -4.13 22.79 -5.87
N ILE D 52 -2.90 22.68 -6.37
CA ILE D 52 -1.87 21.98 -5.60
C ILE D 52 -1.10 22.96 -4.71
N GLU D 53 -1.17 24.23 -5.05
CA GLU D 53 -0.45 25.26 -4.30
C GLU D 53 -0.83 25.25 -2.83
N GLN D 54 -2.07 24.86 -2.54
CA GLN D 54 -2.59 24.92 -1.18
C GLN D 54 -2.00 23.85 -0.25
N GLU D 55 -1.44 22.79 -0.82
CA GLU D 55 -0.81 21.76 0.00
C GLU D 55 0.22 22.45 0.87
N GLY D 56 0.31 22.02 2.13
CA GLY D 56 1.20 22.64 3.09
C GLY D 56 2.66 22.25 2.92
N PRO D 57 3.55 22.86 3.73
CA PRO D 57 4.99 22.65 3.67
C PRO D 57 5.40 21.18 3.88
N GLU D 58 4.60 20.44 4.63
CA GLU D 58 4.87 19.01 4.81
C GLU D 58 4.72 18.24 3.50
N TYR D 59 3.74 18.62 2.68
CA TYR D 59 3.56 18.00 1.37
C TYR D 59 4.77 18.29 0.50
N TRP D 60 5.12 19.58 0.40
CA TRP D 60 6.22 20.02 -0.45
C TRP D 60 7.58 19.47 -0.01
N ASP D 61 7.76 19.33 1.30
CA ASP D 61 8.98 18.75 1.85
C ASP D 61 9.07 17.27 1.48
N GLY D 62 7.98 16.56 1.69
CA GLY D 62 7.90 15.15 1.34
C GLY D 62 8.12 14.89 -0.15
N GLU D 63 7.45 15.66 -0.99
CA GLU D 63 7.56 15.47 -2.44
C GLU D 63 8.96 15.82 -2.94
N THR D 64 9.55 16.84 -2.34
CA THR D 64 10.90 17.25 -2.70
C THR D 64 11.89 16.15 -2.35
N ARG D 65 11.72 15.56 -1.16
CA ARG D 65 12.58 14.48 -0.72
C ARG D 65 12.40 13.23 -1.56
N LYS D 66 11.16 12.89 -1.88
CA LYS D 66 10.88 11.70 -2.66
C LYS D 66 11.42 11.85 -4.08
N VAL D 67 11.25 13.04 -4.65
CA VAL D 67 11.68 13.27 -6.02
C VAL D 67 13.21 13.22 -6.13
N LYS D 68 13.90 13.64 -5.07
CA LYS D 68 15.36 13.60 -5.07
C LYS D 68 15.83 12.15 -4.93
N ALA D 69 15.07 11.35 -4.21
CA ALA D 69 15.34 9.92 -4.11
C ALA D 69 15.13 9.25 -5.48
N HIS D 70 14.08 9.65 -6.19
CA HIS D 70 13.82 9.12 -7.52
C HIS D 70 15.00 9.45 -8.42
N SER D 71 15.47 10.69 -8.33
CA SER D 71 16.64 11.14 -9.08
C SER D 71 17.86 10.27 -8.78
N GLN D 72 18.09 10.02 -7.50
CA GLN D 72 19.23 9.23 -7.06
C GLN D 72 19.17 7.80 -7.58
N THR D 73 17.97 7.22 -7.59
CA THR D 73 17.79 5.86 -8.06
C THR D 73 18.16 5.77 -9.54
N HIS D 74 17.69 6.73 -10.32
CA HIS D 74 18.01 6.77 -11.76
C HIS D 74 19.48 7.08 -12.03
N ARG D 75 20.11 7.85 -11.16
CA ARG D 75 21.53 8.13 -11.32
C ARG D 75 22.31 6.84 -11.19
N VAL D 76 21.98 6.05 -10.17
CA VAL D 76 22.56 4.72 -10.03
C VAL D 76 22.18 3.81 -11.20
N ASP D 77 20.91 3.81 -11.57
CA ASP D 77 20.44 2.98 -12.67
C ASP D 77 21.26 3.17 -13.94
N LEU D 78 21.51 4.41 -14.34
CA LEU D 78 22.31 4.68 -15.53
C LEU D 78 23.65 3.95 -15.50
N GLY D 79 24.30 3.94 -14.34
CA GLY D 79 25.57 3.24 -14.20
C GLY D 79 25.37 1.75 -14.32
N THR D 80 24.39 1.24 -13.59
CA THR D 80 24.04 -0.17 -13.62
C THR D 80 23.71 -0.64 -15.04
N LEU D 81 22.99 0.19 -15.77
CA LEU D 81 22.57 -0.16 -17.12
C LEU D 81 23.74 -0.14 -18.11
N ARG D 82 24.62 0.84 -17.95
CA ARG D 82 25.83 0.89 -18.76
C ARG D 82 26.62 -0.39 -18.53
N GLY D 83 26.62 -0.88 -17.30
CA GLY D 83 27.27 -2.12 -16.96
C GLY D 83 26.64 -3.33 -17.61
N TYR D 84 25.32 -3.43 -17.56
CA TYR D 84 24.59 -4.54 -18.14
C TYR D 84 24.91 -4.69 -19.62
N TYR D 85 24.98 -3.56 -20.31
CA TYR D 85 25.15 -3.56 -21.76
C TYR D 85 26.60 -3.33 -22.16
N ASN D 86 27.49 -3.37 -21.17
CA ASN D 86 28.91 -3.19 -21.42
C ASN D 86 29.19 -2.01 -22.35
N GLN D 87 28.61 -0.85 -22.02
CA GLN D 87 28.76 0.33 -22.85
C GLN D 87 29.87 1.24 -22.33
N SER D 88 30.42 2.08 -23.20
CA SER D 88 31.50 2.98 -22.82
C SER D 88 31.00 4.09 -21.90
N GLU D 89 31.92 4.67 -21.14
CA GLU D 89 31.58 5.74 -20.20
C GLU D 89 31.37 7.06 -20.92
N ALA D 90 31.75 7.14 -22.19
CA ALA D 90 31.73 8.39 -22.93
C ALA D 90 30.37 8.75 -23.50
N GLY D 91 29.49 7.77 -23.65
CA GLY D 91 28.22 7.98 -24.30
C GLY D 91 27.10 8.45 -23.38
N SER D 92 26.23 9.31 -23.91
CA SER D 92 25.03 9.73 -23.19
C SER D 92 23.91 8.70 -23.37
N HIS D 93 23.27 8.33 -22.28
CA HIS D 93 22.13 7.41 -22.33
C HIS D 93 20.95 7.95 -21.54
N THR D 94 19.79 7.33 -21.75
CA THR D 94 18.54 7.86 -21.19
C THR D 94 17.73 6.79 -20.48
N VAL D 95 17.34 7.09 -19.26
CA VAL D 95 16.39 6.26 -18.56
C VAL D 95 15.07 7.01 -18.45
N GLN D 96 13.98 6.32 -18.76
CA GLN D 96 12.65 6.89 -18.61
C GLN D 96 11.79 5.99 -17.75
N ARG D 97 10.90 6.60 -16.98
CA ARG D 97 10.07 5.87 -16.05
C ARG D 97 8.70 6.52 -15.98
N MET D 98 7.67 5.69 -15.92
CA MET D 98 6.32 6.19 -15.77
C MET D 98 5.58 5.26 -14.84
N TYR D 99 4.81 5.83 -13.92
CA TYR D 99 3.89 5.04 -13.12
C TYR D 99 2.68 5.86 -12.69
N GLY D 100 1.64 5.18 -12.23
CA GLY D 100 0.44 5.85 -11.79
C GLY D 100 -0.75 4.91 -11.80
N CYS D 101 -1.94 5.46 -11.66
CA CYS D 101 -3.14 4.65 -11.53
C CYS D 101 -4.33 5.29 -12.25
N ASP D 102 -5.26 4.45 -12.67
CA ASP D 102 -6.54 4.91 -13.23
C ASP D 102 -7.66 4.56 -12.26
N VAL D 103 -8.66 5.44 -12.19
CA VAL D 103 -9.90 5.12 -11.49
C VAL D 103 -11.07 5.30 -12.44
N GLY D 104 -12.19 4.64 -12.13
CA GLY D 104 -13.37 4.74 -12.96
C GLY D 104 -14.24 5.93 -12.57
N SER D 105 -15.45 5.98 -13.11
CA SER D 105 -16.39 7.05 -12.79
C SER D 105 -16.73 7.07 -11.31
N ASP D 106 -16.53 5.94 -10.63
CA ASP D 106 -16.78 5.84 -9.20
C ASP D 106 -15.56 6.23 -8.36
N TRP D 107 -14.52 6.70 -9.04
CA TRP D 107 -13.26 7.08 -8.37
C TRP D 107 -12.65 5.89 -7.65
N ARG D 108 -13.04 4.68 -8.05
CA ARG D 108 -12.44 3.46 -7.49
C ARG D 108 -11.36 2.91 -8.41
N PHE D 109 -10.37 2.24 -7.83
CA PHE D 109 -9.23 1.72 -8.59
C PHE D 109 -9.66 0.96 -9.83
N LEU D 110 -8.98 1.24 -10.95
CA LEU D 110 -9.28 0.63 -12.22
C LEU D 110 -8.06 -0.11 -12.75
N ARG D 111 -6.90 0.54 -12.67
CA ARG D 111 -5.70 0.03 -13.29
C ARG D 111 -4.46 0.73 -12.73
N GLY D 112 -3.35 -0.01 -12.67
CA GLY D 112 -2.09 0.55 -12.25
C GLY D 112 -1.00 0.30 -13.28
N TYR D 113 0.00 1.17 -13.30
CA TYR D 113 1.09 1.09 -14.27
C TYR D 113 2.41 1.39 -13.57
N HIS D 114 3.47 0.75 -14.07
CA HIS D 114 4.83 1.09 -13.65
C HIS D 114 5.82 0.57 -14.68
N GLN D 115 6.23 1.44 -15.60
CA GLN D 115 7.04 1.06 -16.74
C GLN D 115 8.39 1.78 -16.81
N TYR D 116 9.33 1.14 -17.47
CA TYR D 116 10.71 1.60 -17.51
C TYR D 116 11.23 1.47 -18.94
N ALA D 117 11.88 2.51 -19.45
CA ALA D 117 12.52 2.42 -20.75
C ALA D 117 14.00 2.83 -20.66
N TYR D 118 14.81 2.23 -21.53
CA TYR D 118 16.22 2.57 -21.62
C TYR D 118 16.56 2.94 -23.06
N ASP D 119 17.14 4.12 -23.24
CA ASP D 119 17.45 4.63 -24.56
C ASP D 119 16.25 4.53 -25.50
N GLY D 120 15.06 4.85 -24.97
CA GLY D 120 13.86 4.96 -25.77
C GLY D 120 13.19 3.65 -26.13
N LYS D 121 13.62 2.57 -25.49
CA LYS D 121 13.03 1.25 -25.72
C LYS D 121 12.55 0.59 -24.43
N ASP D 122 11.43 -0.13 -24.52
CA ASP D 122 10.92 -0.88 -23.38
C ASP D 122 12.05 -1.64 -22.71
N TYR D 123 12.12 -1.55 -21.39
CA TYR D 123 13.13 -2.27 -20.63
C TYR D 123 12.46 -3.29 -19.72
N ILE D 124 11.68 -2.79 -18.76
CA ILE D 124 10.88 -3.65 -17.90
C ILE D 124 9.57 -2.96 -17.56
N ALA D 125 8.51 -3.76 -17.42
CA ALA D 125 7.19 -3.24 -17.10
C ALA D 125 6.42 -4.18 -16.20
N LEU D 126 5.78 -3.62 -15.18
CA LEU D 126 4.84 -4.38 -14.38
C LEU D 126 3.63 -4.75 -15.23
N LYS D 127 3.21 -6.01 -15.19
CA LYS D 127 2.06 -6.45 -15.97
C LYS D 127 0.75 -6.03 -15.31
N GLU D 128 -0.35 -6.11 -16.05
CA GLU D 128 -1.65 -5.66 -15.56
C GLU D 128 -2.05 -6.17 -14.18
N ASP D 129 -1.73 -7.43 -13.89
CA ASP D 129 -2.09 -8.00 -12.61
C ASP D 129 -1.25 -7.42 -11.48
N LEU D 130 -0.27 -6.61 -11.85
CA LEU D 130 0.60 -5.93 -10.88
C LEU D 130 1.29 -6.93 -9.96
N ARG D 131 1.55 -8.12 -10.48
CA ARG D 131 2.19 -9.18 -9.71
C ARG D 131 3.38 -9.75 -10.46
N SER D 132 3.48 -9.44 -11.75
CA SER D 132 4.51 -10.01 -12.60
C SER D 132 5.17 -8.97 -13.48
N TRP D 133 6.34 -9.30 -14.01
CA TRP D 133 7.11 -8.36 -14.80
C TRP D 133 7.30 -8.83 -16.25
N THR D 134 7.40 -7.86 -17.16
CA THR D 134 7.73 -8.14 -18.54
C THR D 134 9.12 -7.56 -18.84
N ALA D 135 10.12 -8.44 -18.88
CA ALA D 135 11.49 -8.03 -19.22
C ALA D 135 11.71 -8.12 -20.73
N ALA D 136 12.23 -7.05 -21.31
CA ALA D 136 12.37 -6.94 -22.77
C ALA D 136 13.54 -7.77 -23.31
N ASP D 137 14.56 -7.94 -22.50
CA ASP D 137 15.75 -8.67 -22.92
C ASP D 137 16.45 -9.26 -21.69
N MET D 138 17.67 -9.76 -21.88
CA MET D 138 18.37 -10.45 -20.80
C MET D 138 18.84 -9.50 -19.71
N ALA D 139 19.30 -8.31 -20.10
CA ALA D 139 19.59 -7.26 -19.12
C ALA D 139 18.40 -7.11 -18.17
N ALA D 140 17.22 -6.88 -18.74
CA ALA D 140 16.02 -6.66 -17.94
C ALA D 140 15.63 -7.90 -17.13
N GLN D 141 15.97 -9.09 -17.65
CA GLN D 141 15.70 -10.32 -16.91
C GLN D 141 16.48 -10.31 -15.60
N THR D 142 17.69 -9.75 -15.64
CA THR D 142 18.49 -9.58 -14.42
C THR D 142 17.79 -8.67 -13.42
N THR D 143 17.25 -7.55 -13.90
CA THR D 143 16.48 -6.64 -13.05
C THR D 143 15.25 -7.36 -12.51
N LYS D 144 14.59 -8.10 -13.38
CA LYS D 144 13.40 -8.86 -13.03
C LYS D 144 13.62 -9.84 -11.87
N HIS D 145 14.71 -10.60 -11.93
CA HIS D 145 15.00 -11.56 -10.89
C HIS D 145 15.36 -10.84 -9.60
N LYS D 146 16.01 -9.72 -9.72
CA LYS D 146 16.33 -8.91 -8.58
C LYS D 146 15.08 -8.39 -7.89
N TRP D 147 14.15 -7.87 -8.67
CA TRP D 147 12.93 -7.32 -8.09
C TRP D 147 11.99 -8.41 -7.60
N GLU D 148 12.07 -9.58 -8.20
CA GLU D 148 11.30 -10.72 -7.73
C GLU D 148 11.83 -11.14 -6.37
N ALA D 149 13.15 -11.04 -6.20
CA ALA D 149 13.80 -11.44 -4.96
C ALA D 149 13.54 -10.43 -3.85
N ALA D 150 13.41 -9.16 -4.20
CA ALA D 150 13.12 -8.12 -3.24
C ALA D 150 11.61 -7.94 -3.06
N HIS D 151 10.83 -8.75 -3.77
CA HIS D 151 9.37 -8.68 -3.68
C HIS D 151 8.86 -7.26 -3.93
N VAL D 152 9.38 -6.63 -4.98
CA VAL D 152 9.01 -5.27 -5.33
C VAL D 152 7.56 -5.17 -5.79
N ALA D 153 7.11 -6.15 -6.55
CA ALA D 153 5.79 -6.08 -7.14
C ALA D 153 4.71 -5.88 -6.07
N GLU D 154 4.82 -6.62 -4.97
CA GLU D 154 3.79 -6.55 -3.94
C GLU D 154 3.78 -5.18 -3.26
N GLN D 155 4.96 -4.60 -3.09
CA GLN D 155 5.08 -3.27 -2.49
C GLN D 155 4.59 -2.19 -3.47
N LEU D 156 4.87 -2.40 -4.75
CA LEU D 156 4.36 -1.52 -5.79
C LEU D 156 2.83 -1.58 -5.90
N ARG D 157 2.30 -2.80 -5.86
CA ARG D 157 0.85 -3.00 -5.98
C ARG D 157 0.10 -2.24 -4.89
N ALA D 158 0.65 -2.27 -3.67
CA ALA D 158 0.00 -1.63 -2.53
C ALA D 158 -0.04 -0.12 -2.71
N TYR D 159 1.02 0.43 -3.29
CA TYR D 159 1.03 1.86 -3.57
C TYR D 159 0.08 2.19 -4.71
N LEU D 160 0.11 1.38 -5.78
CA LEU D 160 -0.69 1.66 -6.98
C LEU D 160 -2.19 1.53 -6.74
N GLU D 161 -2.58 0.55 -5.94
CA GLU D 161 -3.99 0.29 -5.66
C GLU D 161 -4.52 1.10 -4.47
N GLY D 162 -3.62 1.54 -3.60
CA GLY D 162 -4.03 2.23 -2.39
C GLY D 162 -3.64 3.70 -2.38
N THR D 163 -2.40 3.98 -2.01
CA THR D 163 -1.90 5.35 -1.90
C THR D 163 -2.15 6.19 -3.15
N CYS D 164 -1.83 5.65 -4.31
CA CYS D 164 -1.98 6.36 -5.57
C CYS D 164 -3.42 6.80 -5.78
N VAL D 165 -4.36 5.90 -5.49
CA VAL D 165 -5.77 6.20 -5.61
C VAL D 165 -6.23 7.27 -4.62
N GLU D 166 -5.73 7.20 -3.39
CA GLU D 166 -6.04 8.21 -2.40
C GLU D 166 -5.62 9.58 -2.91
N TRP D 167 -4.40 9.67 -3.43
CA TRP D 167 -3.92 10.95 -3.96
C TRP D 167 -4.81 11.45 -5.09
N LEU D 168 -5.13 10.56 -6.03
CA LEU D 168 -5.94 10.93 -7.19
C LEU D 168 -7.30 11.49 -6.76
N ARG D 169 -7.95 10.78 -5.83
CA ARG D 169 -9.21 11.23 -5.25
C ARG D 169 -9.06 12.61 -4.62
N ARG D 170 -7.99 12.81 -3.86
CA ARG D 170 -7.76 14.08 -3.19
C ARG D 170 -7.58 15.21 -4.19
N TYR D 171 -6.80 14.96 -5.23
CA TYR D 171 -6.53 15.97 -6.24
C TYR D 171 -7.77 16.29 -7.06
N LEU D 172 -8.55 15.27 -7.41
CA LEU D 172 -9.76 15.51 -8.21
C LEU D 172 -10.70 16.43 -7.45
N GLU D 173 -10.82 16.20 -6.15
CA GLU D 173 -11.63 17.03 -5.28
C GLU D 173 -11.14 18.47 -5.24
N ASN D 174 -9.91 18.66 -4.76
CA ASN D 174 -9.34 19.99 -4.62
C ASN D 174 -9.27 20.74 -5.94
N GLY D 175 -9.11 20.00 -7.03
CA GLY D 175 -9.04 20.59 -8.36
C GLY D 175 -10.36 20.50 -9.10
N LYS D 176 -11.43 20.24 -8.35
CA LYS D 176 -12.77 20.12 -8.91
C LYS D 176 -13.04 21.18 -9.97
N GLU D 177 -12.89 22.46 -9.59
CA GLU D 177 -13.25 23.58 -10.45
C GLU D 177 -12.64 23.52 -11.85
N THR D 178 -11.51 22.83 -11.99
CA THR D 178 -10.80 22.82 -13.26
C THR D 178 -10.65 21.40 -13.83
N LEU D 179 -10.19 20.47 -12.99
CA LEU D 179 -10.03 19.08 -13.42
C LEU D 179 -11.34 18.44 -13.86
N GLN D 180 -12.42 18.76 -13.15
CA GLN D 180 -13.71 18.18 -13.47
C GLN D 180 -14.53 19.08 -14.39
N ARG D 181 -13.83 19.93 -15.13
CA ARG D 181 -14.44 20.83 -16.10
C ARG D 181 -14.32 20.26 -17.50
N THR D 182 -15.30 20.57 -18.35
CA THR D 182 -15.13 20.37 -19.78
C THR D 182 -15.11 21.73 -20.46
N ASP D 183 -14.15 21.92 -21.35
CA ASP D 183 -14.11 23.10 -22.20
C ASP D 183 -14.41 22.65 -23.61
N ALA D 184 -15.65 22.86 -24.06
CA ALA D 184 -16.03 22.46 -25.40
C ALA D 184 -15.22 23.23 -26.43
N PRO D 185 -14.90 22.58 -27.57
CA PRO D 185 -14.10 23.24 -28.59
C PRO D 185 -14.82 24.46 -29.18
N LYS D 186 -14.12 25.58 -29.30
CA LYS D 186 -14.59 26.68 -30.12
C LYS D 186 -14.10 26.40 -31.54
N THR D 187 -15.03 26.26 -32.48
CA THR D 187 -14.69 25.79 -33.81
C THR D 187 -14.93 26.80 -34.92
N HIS D 188 -14.25 26.58 -36.05
CA HIS D 188 -14.40 27.42 -37.23
C HIS D 188 -13.69 26.74 -38.40
N MET D 189 -13.86 27.29 -39.61
CA MET D 189 -13.31 26.66 -40.80
C MET D 189 -12.54 27.64 -41.68
N THR D 190 -11.55 27.12 -42.41
CA THR D 190 -10.78 27.95 -43.34
C THR D 190 -10.65 27.26 -44.70
N HIS D 191 -10.37 28.06 -45.73
CA HIS D 191 -10.29 27.56 -47.09
C HIS D 191 -9.25 28.32 -47.91
N HIS D 192 -8.38 27.57 -48.57
CA HIS D 192 -7.36 28.18 -49.43
C HIS D 192 -7.30 27.46 -50.77
N ALA D 193 -7.03 28.22 -51.82
CA ALA D 193 -6.93 27.65 -53.15
C ALA D 193 -5.59 26.95 -53.41
N VAL D 194 -5.61 25.63 -53.61
CA VAL D 194 -4.39 24.87 -53.87
C VAL D 194 -3.91 25.06 -55.32
N SER D 195 -4.67 24.53 -56.26
CA SER D 195 -4.34 24.66 -57.66
C SER D 195 -5.47 25.49 -58.30
N ASP D 196 -5.65 25.30 -59.60
CA ASP D 196 -6.77 25.90 -60.31
C ASP D 196 -8.08 25.16 -60.12
N HIS D 197 -7.97 23.86 -59.88
CA HIS D 197 -9.14 22.98 -59.79
C HIS D 197 -9.39 22.42 -58.39
N GLU D 198 -8.39 22.52 -57.52
CA GLU D 198 -8.52 21.99 -56.16
C GLU D 198 -8.51 23.08 -55.09
N ALA D 199 -8.74 22.66 -53.85
CA ALA D 199 -8.76 23.55 -52.70
C ALA D 199 -8.73 22.76 -51.39
N THR D 200 -8.28 23.41 -50.32
CA THR D 200 -8.23 22.76 -49.01
C THR D 200 -9.26 23.37 -48.07
N LEU D 201 -9.98 22.52 -47.37
CA LEU D 201 -10.83 22.96 -46.27
C LEU D 201 -10.19 22.52 -44.95
N ARG D 202 -10.05 23.46 -44.02
CA ARG D 202 -9.43 23.14 -42.73
C ARG D 202 -10.39 23.43 -41.58
N CYS D 203 -10.84 22.35 -40.93
CA CYS D 203 -11.73 22.44 -39.78
C CYS D 203 -10.90 22.64 -38.51
N TRP D 204 -11.26 23.65 -37.72
CA TRP D 204 -10.50 24.03 -36.53
C TRP D 204 -11.24 23.72 -35.23
N ALA D 205 -10.50 23.18 -34.25
CA ALA D 205 -11.01 23.01 -32.90
C ALA D 205 -10.00 23.65 -31.94
N LEU D 206 -10.48 24.62 -31.16
CA LEU D 206 -9.59 25.38 -30.28
C LEU D 206 -10.09 25.44 -28.84
N SER D 207 -9.15 25.67 -27.93
CA SER D 207 -9.46 25.98 -26.54
C SER D 207 -10.29 24.92 -25.85
N PHE D 208 -10.10 23.65 -26.22
CA PHE D 208 -10.85 22.58 -25.58
C PHE D 208 -10.07 21.80 -24.52
N TYR D 209 -10.82 21.14 -23.63
CA TYR D 209 -10.25 20.28 -22.60
C TYR D 209 -11.34 19.32 -22.15
N PRO D 210 -11.01 18.03 -21.97
CA PRO D 210 -9.68 17.40 -22.11
C PRO D 210 -9.19 17.31 -23.56
N ALA D 211 -8.03 16.69 -23.73
CA ALA D 211 -7.38 16.62 -25.04
C ALA D 211 -8.11 15.71 -26.03
N GLU D 212 -8.73 14.65 -25.51
CA GLU D 212 -9.45 13.69 -26.34
C GLU D 212 -10.50 14.37 -27.20
N ILE D 213 -10.43 14.15 -28.51
CA ILE D 213 -11.33 14.79 -29.46
C ILE D 213 -11.32 14.05 -30.79
N THR D 214 -12.38 14.18 -31.56
CA THR D 214 -12.44 13.55 -32.87
C THR D 214 -12.93 14.52 -33.94
N LEU D 215 -12.10 14.74 -34.96
CA LEU D 215 -12.49 15.54 -36.10
C LEU D 215 -12.59 14.63 -37.33
N THR D 216 -13.74 14.64 -37.98
CA THR D 216 -13.96 13.79 -39.16
C THR D 216 -14.63 14.56 -40.30
N TRP D 217 -14.14 14.33 -41.52
CA TRP D 217 -14.69 14.97 -42.72
C TRP D 217 -15.70 14.08 -43.41
N GLN D 218 -16.69 14.71 -44.04
CA GLN D 218 -17.71 13.99 -44.81
C GLN D 218 -18.02 14.72 -46.12
N ARG D 219 -18.27 13.92 -47.13
CA ARG D 219 -18.86 14.34 -48.38
C ARG D 219 -20.16 13.58 -48.50
N ASP D 220 -21.24 14.30 -48.64
CA ASP D 220 -22.56 13.72 -48.56
C ASP D 220 -22.94 12.79 -47.31
N GLY D 221 -22.64 13.13 -46.04
CA GLY D 221 -23.06 12.46 -44.83
C GLY D 221 -22.32 11.15 -44.68
N GLU D 222 -21.33 10.94 -45.55
CA GLU D 222 -20.50 9.74 -45.48
C GLU D 222 -19.03 10.07 -45.19
N ASP D 223 -18.23 9.03 -45.06
CA ASP D 223 -16.83 9.12 -44.67
C ASP D 223 -16.00 9.79 -45.76
N GLN D 224 -14.78 10.18 -45.39
CA GLN D 224 -13.83 10.79 -46.32
C GLN D 224 -12.42 10.74 -45.73
N THR D 225 -11.81 9.55 -45.75
CA THR D 225 -10.48 9.35 -45.17
C THR D 225 -9.37 9.33 -46.20
N GLN D 226 -9.68 9.78 -47.41
CA GLN D 226 -8.67 10.05 -48.42
C GLN D 226 -8.60 11.57 -48.51
N ASP D 227 -7.39 12.10 -48.61
CA ASP D 227 -7.20 13.54 -48.61
C ASP D 227 -7.53 14.09 -47.23
N THR D 228 -7.39 13.24 -46.22
CA THR D 228 -7.62 13.62 -44.82
C THR D 228 -6.29 13.89 -44.13
N GLU D 229 -6.11 15.12 -43.65
CA GLU D 229 -4.88 15.46 -42.96
C GLU D 229 -5.15 15.90 -41.52
N LEU D 230 -4.99 14.97 -40.59
CA LEU D 230 -5.09 15.26 -39.16
C LEU D 230 -3.72 15.60 -38.60
N VAL D 231 -3.61 16.74 -37.92
CA VAL D 231 -2.39 17.02 -37.16
C VAL D 231 -2.56 16.58 -35.72
N GLU D 232 -1.44 16.20 -35.10
CA GLU D 232 -1.44 15.78 -33.71
C GLU D 232 -2.07 16.88 -32.85
N THR D 233 -2.86 16.48 -31.86
CA THR D 233 -3.40 17.42 -30.90
C THR D 233 -2.24 18.14 -30.20
N ARG D 234 -2.40 19.44 -29.98
CA ARG D 234 -1.32 20.27 -29.50
C ARG D 234 -1.79 21.20 -28.40
N PRO D 235 -0.91 21.53 -27.46
CA PRO D 235 -1.24 22.38 -26.31
C PRO D 235 -1.31 23.86 -26.70
N ALA D 236 -2.31 24.56 -26.21
CA ALA D 236 -2.46 25.98 -26.48
C ALA D 236 -1.43 26.78 -25.68
N GLY D 237 -1.05 26.22 -24.53
CA GLY D 237 -0.09 26.86 -23.64
C GLY D 237 -0.75 27.38 -22.39
N ASP D 238 -2.07 27.31 -22.36
CA ASP D 238 -2.85 27.80 -21.22
C ASP D 238 -3.64 26.68 -20.55
N GLY D 239 -3.35 25.44 -20.94
CA GLY D 239 -4.03 24.30 -20.34
C GLY D 239 -5.08 23.67 -21.23
N THR D 240 -5.39 24.33 -22.35
CA THR D 240 -6.33 23.79 -23.30
C THR D 240 -5.57 23.27 -24.51
N PHE D 241 -6.31 22.62 -25.40
CA PHE D 241 -5.69 21.97 -26.55
C PHE D 241 -6.26 22.45 -27.87
N GLN D 242 -5.50 22.24 -28.94
CA GLN D 242 -5.89 22.65 -30.28
C GLN D 242 -5.70 21.49 -31.23
N LYS D 243 -6.42 21.53 -32.36
CA LYS D 243 -6.32 20.51 -33.37
C LYS D 243 -7.04 20.97 -34.62
N TRP D 244 -6.61 20.48 -35.78
CA TRP D 244 -7.35 20.73 -37.01
C TRP D 244 -7.29 19.55 -37.97
N ALA D 245 -8.25 19.50 -38.88
CA ALA D 245 -8.31 18.46 -39.89
C ALA D 245 -8.54 19.11 -41.24
N ALA D 246 -7.74 18.72 -42.23
CA ALA D 246 -7.82 19.34 -43.56
C ALA D 246 -8.19 18.33 -44.63
N VAL D 247 -8.83 18.83 -45.68
CA VAL D 247 -9.23 17.97 -46.80
C VAL D 247 -8.97 18.64 -48.15
N VAL D 248 -8.50 17.86 -49.11
CA VAL D 248 -8.26 18.34 -50.46
C VAL D 248 -9.48 18.06 -51.35
N VAL D 249 -10.16 19.12 -51.77
CA VAL D 249 -11.39 18.98 -52.54
C VAL D 249 -11.35 19.78 -53.84
N PRO D 250 -12.11 19.34 -54.85
CA PRO D 250 -12.26 20.07 -56.11
C PRO D 250 -13.02 21.37 -55.91
N SER D 251 -12.55 22.43 -56.55
CA SER D 251 -13.12 23.77 -56.36
C SER D 251 -14.60 23.82 -56.76
N GLY D 252 -15.39 24.55 -55.99
CA GLY D 252 -16.78 24.78 -56.32
C GLY D 252 -17.76 23.83 -55.66
N GLN D 253 -17.29 22.63 -55.32
CA GLN D 253 -18.13 21.64 -54.66
C GLN D 253 -17.75 21.46 -53.19
N GLU D 254 -17.33 22.53 -52.55
CA GLU D 254 -16.91 22.53 -51.15
C GLU D 254 -18.05 22.32 -50.18
N GLN D 255 -19.19 22.92 -50.48
CA GLN D 255 -20.38 22.77 -49.67
C GLN D 255 -20.90 21.35 -49.63
N ARG D 256 -20.30 20.46 -50.39
CA ARG D 256 -20.63 19.06 -50.28
C ARG D 256 -20.07 18.50 -48.97
N TYR D 257 -19.04 19.17 -48.45
CA TYR D 257 -18.28 18.65 -47.31
C TYR D 257 -18.71 19.20 -45.95
N THR D 258 -18.69 18.32 -44.95
CA THR D 258 -18.98 18.72 -43.58
C THR D 258 -17.89 18.20 -42.63
N CYS D 259 -17.52 19.02 -41.65
CA CYS D 259 -16.61 18.59 -40.60
C CYS D 259 -17.43 18.25 -39.38
N HIS D 260 -17.19 17.07 -38.82
CA HIS D 260 -17.92 16.63 -37.63
C HIS D 260 -16.99 16.58 -36.41
N VAL D 261 -17.40 17.27 -35.35
CA VAL D 261 -16.58 17.41 -34.15
C VAL D 261 -17.21 16.72 -32.94
N GLN D 262 -16.49 15.75 -32.38
CA GLN D 262 -16.94 15.09 -31.16
C GLN D 262 -15.99 15.38 -29.99
N HIS D 263 -16.57 15.79 -28.87
CA HIS D 263 -15.81 16.08 -27.67
C HIS D 263 -16.75 15.99 -26.47
N GLU D 264 -16.21 15.57 -25.33
CA GLU D 264 -17.06 15.29 -24.18
C GLU D 264 -17.72 16.56 -23.62
N GLY D 265 -17.20 17.71 -24.01
CA GLY D 265 -17.76 18.98 -23.58
C GLY D 265 -18.93 19.43 -24.43
N LEU D 266 -19.24 18.65 -25.46
CA LEU D 266 -20.35 18.97 -26.36
C LEU D 266 -21.52 18.02 -26.12
N PRO D 267 -22.69 18.57 -25.75
CA PRO D 267 -23.93 17.81 -25.56
C PRO D 267 -24.15 16.84 -26.72
N LYS D 268 -23.80 17.28 -27.92
CA LYS D 268 -23.86 16.42 -29.10
C LYS D 268 -22.91 16.95 -30.17
N PRO D 269 -22.47 16.07 -31.07
CA PRO D 269 -21.48 16.43 -32.09
C PRO D 269 -21.89 17.65 -32.90
N LEU D 270 -20.92 18.48 -33.27
CA LEU D 270 -21.16 19.64 -34.11
C LEU D 270 -20.85 19.30 -35.56
N THR D 271 -21.59 19.92 -36.47
CA THR D 271 -21.37 19.75 -37.90
C THR D 271 -21.15 21.11 -38.54
N LEU D 272 -20.05 21.26 -39.27
CA LEU D 272 -19.73 22.54 -39.90
C LEU D 272 -19.69 22.43 -41.43
N ARG D 273 -20.30 23.40 -42.10
CA ARG D 273 -20.23 23.50 -43.56
C ARG D 273 -19.60 24.83 -43.98
N TRP D 274 -18.87 24.81 -45.08
CA TRP D 274 -18.02 25.94 -45.48
C TRP D 274 -18.77 27.20 -45.98
N GLU D 275 -20.09 27.24 -45.80
CA GLU D 275 -20.85 28.42 -46.21
C GLU D 275 -20.33 29.70 -45.54
N MET E 1 20.91 1.84 -30.56
CA MET E 1 20.32 3.12 -30.17
C MET E 1 19.31 3.58 -31.22
N ILE E 2 18.07 3.76 -30.80
CA ILE E 2 17.02 4.22 -31.71
C ILE E 2 17.02 5.74 -31.83
N GLN E 3 16.48 6.25 -32.93
CA GLN E 3 16.55 7.68 -33.20
C GLN E 3 15.30 8.15 -33.93
N ARG E 4 14.62 9.14 -33.35
CA ARG E 4 13.38 9.66 -33.95
C ARG E 4 13.47 11.17 -34.17
N THR E 5 13.16 11.61 -35.38
CA THR E 5 13.20 13.02 -35.71
C THR E 5 11.94 13.72 -35.22
N PRO E 6 12.05 14.99 -34.84
CA PRO E 6 10.93 15.73 -34.25
C PRO E 6 9.92 16.24 -35.27
N LYS E 7 8.65 16.19 -34.90
CA LYS E 7 7.61 16.89 -35.65
C LYS E 7 7.53 18.30 -35.08
N ILE E 8 7.10 19.25 -35.92
CA ILE E 8 7.09 20.65 -35.52
C ILE E 8 5.79 21.36 -35.90
N GLN E 9 5.20 22.05 -34.94
CA GLN E 9 4.06 22.92 -35.23
C GLN E 9 4.34 24.30 -34.67
N VAL E 10 4.09 25.33 -35.49
CA VAL E 10 4.21 26.70 -35.04
C VAL E 10 2.85 27.37 -35.11
N TYR E 11 2.45 28.02 -34.02
CA TYR E 11 1.11 28.60 -33.93
C TYR E 11 1.01 29.61 -32.79
N SER E 12 -0.17 30.17 -32.63
CA SER E 12 -0.42 31.13 -31.56
C SER E 12 -1.36 30.53 -30.52
N ARG E 13 -1.19 30.95 -29.26
CA ARG E 13 -2.06 30.48 -28.19
C ARG E 13 -3.50 30.84 -28.50
N HIS E 14 -3.73 32.12 -28.77
CA HIS E 14 -5.05 32.59 -29.15
C HIS E 14 -5.05 32.96 -30.63
N PRO E 15 -6.26 33.07 -31.23
CA PRO E 15 -6.33 33.50 -32.63
C PRO E 15 -5.60 34.83 -32.83
N ALA E 16 -4.77 34.89 -33.87
CA ALA E 16 -3.92 36.06 -34.11
C ALA E 16 -4.74 37.30 -34.46
N GLU E 17 -4.15 38.47 -34.17
CA GLU E 17 -4.77 39.74 -34.46
C GLU E 17 -3.75 40.86 -34.26
N ASN E 18 -3.40 41.52 -35.36
CA ASN E 18 -2.41 42.61 -35.30
C ASN E 18 -2.71 43.61 -34.19
N GLY E 19 -1.75 43.81 -33.30
CA GLY E 19 -1.90 44.80 -32.25
C GLY E 19 -2.19 44.23 -30.87
N LYS E 20 -2.79 43.03 -30.85
CA LYS E 20 -3.10 42.37 -29.58
C LYS E 20 -1.98 41.44 -29.14
N SER E 21 -1.61 41.52 -27.86
CA SER E 21 -0.58 40.64 -27.31
C SER E 21 -1.06 39.20 -27.31
N ASN E 22 -0.16 38.29 -27.68
CA ASN E 22 -0.50 36.88 -27.80
C ASN E 22 0.65 36.04 -27.27
N PHE E 23 0.64 34.75 -27.58
CA PHE E 23 1.78 33.90 -27.32
C PHE E 23 2.12 33.12 -28.59
N LEU E 24 3.39 33.14 -28.98
CA LEU E 24 3.84 32.36 -30.12
C LEU E 24 4.38 31.03 -29.64
N ASN E 25 3.87 29.94 -30.22
CA ASN E 25 4.21 28.61 -29.78
C ASN E 25 5.00 27.82 -30.81
N CYS E 26 5.97 27.05 -30.34
CA CYS E 26 6.59 26.04 -31.16
C CYS E 26 6.56 24.71 -30.41
N TYR E 27 5.72 23.80 -30.89
CA TYR E 27 5.56 22.49 -30.27
C TYR E 27 6.36 21.44 -31.04
N VAL E 28 7.34 20.83 -30.38
CA VAL E 28 8.10 19.73 -30.96
C VAL E 28 7.74 18.44 -30.25
N SER E 29 7.57 17.36 -31.01
CA SER E 29 7.15 16.09 -30.43
C SER E 29 7.68 14.88 -31.19
N GLY E 30 7.51 13.70 -30.59
CA GLY E 30 7.89 12.45 -31.22
C GLY E 30 9.38 12.28 -31.47
N PHE E 31 10.21 12.97 -30.70
CA PHE E 31 11.65 12.92 -30.92
C PHE E 31 12.43 12.16 -29.87
N HIS E 32 13.65 11.76 -30.23
CA HIS E 32 14.51 10.98 -29.35
C HIS E 32 15.91 10.91 -29.98
N PRO E 33 16.97 11.11 -29.17
CA PRO E 33 16.97 11.43 -27.74
C PRO E 33 16.41 12.82 -27.44
N SER E 34 16.40 13.19 -26.16
CA SER E 34 15.73 14.39 -25.70
C SER E 34 16.51 15.67 -25.97
N ASP E 35 17.81 15.53 -26.19
CA ASP E 35 18.65 16.68 -26.49
C ASP E 35 18.15 17.39 -27.75
N ILE E 36 17.74 18.64 -27.62
CA ILE E 36 17.21 19.40 -28.76
C ILE E 36 17.38 20.91 -28.62
N GLU E 37 17.59 21.58 -29.75
CA GLU E 37 17.71 23.05 -29.76
C GLU E 37 16.52 23.65 -30.48
N VAL E 38 15.86 24.61 -29.83
CA VAL E 38 14.68 25.24 -30.40
C VAL E 38 14.70 26.75 -30.21
N ASP E 39 14.68 27.48 -31.32
CA ASP E 39 14.68 28.93 -31.27
C ASP E 39 13.47 29.53 -31.97
N LEU E 40 12.89 30.55 -31.34
CA LEU E 40 11.87 31.35 -32.00
C LEU E 40 12.53 32.52 -32.71
N LEU E 41 12.21 32.70 -33.98
CA LEU E 41 12.81 33.76 -34.77
C LEU E 41 11.82 34.88 -35.07
N LYS E 42 12.32 36.10 -35.11
CA LYS E 42 11.53 37.23 -35.58
C LYS E 42 12.27 37.90 -36.73
N ASN E 43 11.65 37.93 -37.90
CA ASN E 43 12.27 38.49 -39.09
C ASN E 43 13.69 37.99 -39.28
N GLY E 44 13.90 36.71 -38.99
CA GLY E 44 15.19 36.07 -39.19
C GLY E 44 16.08 36.04 -37.95
N GLU E 45 15.85 36.98 -37.03
CA GLU E 45 16.67 37.07 -35.83
C GLU E 45 16.04 36.31 -34.67
N ARG E 46 16.85 35.57 -33.93
CA ARG E 46 16.35 34.77 -32.83
C ARG E 46 15.89 35.59 -31.63
N ILE E 47 14.71 35.24 -31.11
CA ILE E 47 14.13 35.92 -29.96
C ILE E 47 14.81 35.44 -28.68
N GLU E 48 15.04 36.38 -27.76
CA GLU E 48 15.89 36.12 -26.60
C GLU E 48 15.26 35.28 -25.49
N LYS E 49 14.30 35.87 -24.78
CA LYS E 49 13.75 35.23 -23.59
C LYS E 49 12.58 34.29 -23.88
N VAL E 50 12.90 33.09 -24.34
CA VAL E 50 11.90 32.09 -24.67
C VAL E 50 11.86 31.00 -23.63
N GLU E 51 10.66 30.70 -23.14
CA GLU E 51 10.48 29.67 -22.13
C GLU E 51 10.00 28.36 -22.77
N HIS E 52 10.15 27.26 -22.05
CA HIS E 52 9.63 25.98 -22.52
C HIS E 52 9.01 25.17 -21.39
N SER E 53 8.11 24.27 -21.75
CA SER E 53 7.46 23.40 -20.78
C SER E 53 8.46 22.39 -20.22
N ASP E 54 8.01 21.57 -19.29
CA ASP E 54 8.86 20.56 -18.68
C ASP E 54 8.88 19.30 -19.54
N LEU E 55 10.07 18.77 -19.79
CA LEU E 55 10.22 17.60 -20.63
C LEU E 55 9.32 16.45 -20.18
N SER E 56 8.50 15.94 -21.09
CA SER E 56 7.75 14.72 -20.83
C SER E 56 7.77 13.85 -22.08
N PHE E 57 7.06 12.72 -22.04
CA PHE E 57 7.06 11.80 -23.16
C PHE E 57 5.74 11.08 -23.35
N SER E 58 5.52 10.58 -24.56
CA SER E 58 4.28 9.88 -24.91
C SER E 58 4.41 8.40 -24.60
N LYS E 59 3.39 7.63 -24.96
CA LYS E 59 3.38 6.19 -24.68
C LYS E 59 4.51 5.44 -25.36
N ASP E 60 4.90 5.87 -26.56
CA ASP E 60 5.97 5.22 -27.29
C ASP E 60 7.34 5.68 -26.81
N TRP E 61 7.36 6.46 -25.72
CA TRP E 61 8.59 6.94 -25.09
C TRP E 61 9.20 8.17 -25.74
N SER E 62 8.65 8.60 -26.87
CA SER E 62 9.19 9.77 -27.56
C SER E 62 8.82 11.05 -26.81
N PHE E 63 9.68 12.06 -26.90
CA PHE E 63 9.55 13.26 -26.10
C PHE E 63 8.75 14.36 -26.78
N TYR E 64 8.22 15.27 -25.99
CA TYR E 64 7.57 16.46 -26.53
C TYR E 64 7.80 17.67 -25.65
N LEU E 65 7.85 18.83 -26.27
CA LEU E 65 8.13 20.07 -25.57
C LEU E 65 7.39 21.23 -26.22
N LEU E 66 6.92 22.16 -25.40
CA LEU E 66 6.30 23.37 -25.90
C LEU E 66 7.22 24.56 -25.64
N TYR E 67 7.70 25.18 -26.72
CA TYR E 67 8.43 26.43 -26.61
C TYR E 67 7.49 27.59 -26.89
N TYR E 68 7.62 28.67 -26.15
CA TYR E 68 6.68 29.78 -26.26
C TYR E 68 7.23 31.11 -25.79
N THR E 69 6.66 32.19 -26.30
CA THR E 69 7.07 33.54 -25.96
C THR E 69 5.89 34.47 -26.14
N GLU E 70 5.84 35.53 -25.33
CA GLU E 70 4.81 36.53 -25.51
C GLU E 70 5.21 37.45 -26.66
N PHE E 71 4.23 37.82 -27.48
CA PHE E 71 4.50 38.66 -28.64
C PHE E 71 3.23 39.36 -29.10
N THR E 72 3.39 40.32 -30.01
CA THR E 72 2.25 41.06 -30.53
C THR E 72 2.31 41.10 -32.05
N PRO E 73 1.45 40.30 -32.70
CA PRO E 73 1.46 40.13 -34.16
C PRO E 73 1.31 41.46 -34.89
N THR E 74 1.96 41.57 -36.05
CA THR E 74 1.81 42.76 -36.89
C THR E 74 1.76 42.38 -38.35
N GLU E 75 1.35 43.34 -39.17
CA GLU E 75 1.24 43.19 -40.61
C GLU E 75 2.38 42.39 -41.22
N LYS E 76 3.61 42.88 -41.02
CA LYS E 76 4.74 42.42 -41.82
C LYS E 76 5.73 41.52 -41.10
N ASP E 77 5.75 41.60 -39.77
CA ASP E 77 6.69 40.81 -38.98
C ASP E 77 6.56 39.30 -39.22
N GLU E 78 7.60 38.72 -39.78
CA GLU E 78 7.63 37.28 -40.04
C GLU E 78 8.05 36.53 -38.78
N TYR E 79 7.38 35.41 -38.50
CA TYR E 79 7.76 34.58 -37.36
C TYR E 79 8.00 33.12 -37.76
N ALA E 80 8.96 32.50 -37.09
CA ALA E 80 9.31 31.12 -37.40
C ALA E 80 9.95 30.41 -36.21
N CYS E 81 9.99 29.08 -36.30
CA CYS E 81 10.66 28.26 -35.31
C CYS E 81 11.84 27.55 -35.97
N ARG E 82 13.00 27.58 -35.31
CA ARG E 82 14.17 26.90 -35.82
C ARG E 82 14.54 25.75 -34.90
N VAL E 83 14.67 24.56 -35.47
CA VAL E 83 14.89 23.35 -34.68
C VAL E 83 16.10 22.58 -35.18
N ASN E 84 16.99 22.23 -34.27
CA ASN E 84 18.10 21.35 -34.60
C ASN E 84 18.13 20.15 -33.65
N HIS E 85 18.55 19.01 -34.19
CA HIS E 85 18.45 17.74 -33.48
C HIS E 85 19.40 16.75 -34.13
N VAL E 86 19.86 15.77 -33.36
CA VAL E 86 20.85 14.82 -33.86
C VAL E 86 20.34 14.07 -35.10
N THR E 87 19.03 14.13 -35.36
CA THR E 87 18.48 13.48 -36.56
C THR E 87 18.56 14.38 -37.78
N LEU E 88 18.76 15.67 -37.57
CA LEU E 88 18.74 16.64 -38.65
C LEU E 88 20.15 16.95 -39.15
N SER E 89 20.33 16.86 -40.48
CA SER E 89 21.62 17.17 -41.09
C SER E 89 21.86 18.68 -41.11
N GLN E 90 20.78 19.43 -40.93
CA GLN E 90 20.84 20.88 -40.85
C GLN E 90 19.65 21.37 -40.04
N PRO E 91 19.71 22.61 -39.53
CA PRO E 91 18.56 23.11 -38.78
C PRO E 91 17.32 23.12 -39.66
N LYS E 92 16.16 22.92 -39.05
CA LYS E 92 14.90 22.97 -39.78
C LYS E 92 14.14 24.23 -39.39
N ILE E 93 13.61 24.94 -40.38
CA ILE E 93 12.91 26.20 -40.14
C ILE E 93 11.44 26.10 -40.56
N VAL E 94 10.55 26.40 -39.63
CA VAL E 94 9.12 26.34 -39.93
C VAL E 94 8.48 27.70 -39.69
N LYS E 95 7.90 28.27 -40.74
CA LYS E 95 7.31 29.59 -40.66
C LYS E 95 5.94 29.54 -39.99
N TRP E 96 5.57 30.64 -39.35
CA TRP E 96 4.26 30.76 -38.72
C TRP E 96 3.22 31.25 -39.71
N ASP E 97 2.22 30.41 -39.98
CA ASP E 97 1.14 30.76 -40.89
C ASP E 97 -0.14 31.01 -40.10
N ARG E 98 -0.46 32.28 -39.89
CA ARG E 98 -1.64 32.66 -39.12
C ARG E 98 -2.87 31.93 -39.60
N ASP E 99 -3.28 32.24 -40.83
CA ASP E 99 -4.49 31.68 -41.40
C ASP E 99 -4.28 30.25 -41.91
N MET E 100 -3.79 29.38 -41.04
CA MET E 100 -3.68 27.97 -41.36
C MET E 100 -5.05 27.41 -41.67
N GLY F 1 0.82 12.30 -5.19
CA GLY F 1 2.01 12.14 -4.36
C GLY F 1 2.87 10.98 -4.80
N LEU F 2 4.19 11.21 -4.85
CA LEU F 2 5.15 10.17 -5.25
C LEU F 2 5.16 9.01 -4.27
N MET F 3 5.68 7.87 -4.71
CA MET F 3 5.89 6.73 -3.81
C MET F 3 7.16 6.96 -2.98
N TRP F 4 7.17 6.43 -1.76
CA TRP F 4 8.29 6.64 -0.84
C TRP F 4 9.40 5.63 -1.07
N LEU F 5 9.07 4.60 -1.82
CA LEU F 5 9.91 3.42 -1.98
C LEU F 5 10.83 3.51 -3.20
N SER F 6 12.12 3.25 -3.00
CA SER F 6 13.09 3.26 -4.09
C SER F 6 13.50 1.83 -4.44
N TYR F 7 13.70 1.58 -5.73
CA TYR F 7 14.13 0.26 -6.22
C TYR F 7 15.13 0.45 -7.36
N PHE F 8 16.23 -0.30 -7.33
CA PHE F 8 17.29 -0.13 -8.31
C PHE F 8 17.25 -1.22 -9.38
N VAL F 9 17.43 -0.85 -10.64
CA VAL F 9 17.49 -1.85 -11.69
C VAL F 9 18.70 -2.76 -11.52
#